data_6XLC
#
_entry.id   6XLC
#
_cell.length_a   1.00
_cell.length_b   1.00
_cell.length_c   1.00
_cell.angle_alpha   90.00
_cell.angle_beta   90.00
_cell.angle_gamma   90.00
#
_symmetry.space_group_name_H-M   'P 1'
#
loop_
_entity.id
_entity.type
_entity.pdbx_description
1 polymer 'ATP-dependent molecular chaperone HSC82'
2 non-polymer 'PHOSPHOAMINOPHOSPHONIC ACID-ADENYLATE ESTER'
3 non-polymer 'MAGNESIUM ION'
#
_entity_poly.entity_id   1
_entity_poly.type   'polypeptide(L)'
_entity_poly.pdbx_seq_one_letter_code
;MAGETFEFQAEITQLMSLIINTVYSNKEIFLRELISNASDALDKIRYQALSDPKQLETEPDLFIRITPKPEEKVLEIRDS
GIGMTKAELINNLGTIAKSGTKAFMEALSAGADVSMIGQFGVGFYSLFLVADRVQVISKNNEDEQYIWESNAGGSFTVTL
DEVNERIGRGTVLRLFLKDDQLEYLEEKRIKEVIKRHSEFVAYPIQLLVTKEVEKEVPIPEEEKKDEEKKDEDDKKPKLE
EVDEEEEEKKPKTKKVKEEVQELEELNKTKPLWTRNPSDITQEEYNAFYKSISNDWEDPLYVKHFSVEGQLEFRAILFIP
KRAPFDLFESKKKKNNIKLYVRRVFITDEAEDLIPEWLSFVKGVVDSEDLPLNLSREMLQQNKIMKVIRKNIVKKLIEAF
NEIAEDSEQFDKFYSAFAKNIKLGVHEDTQNRAALAKLLRYNSTKSVDELTSLTDYVTRMPEHQKNIYYITGESLKAVEK
SPFLDALKAKNFEVLFLTDPIDEYAFTQLKEFEGKTLVDITKDFELEETDEEKAEREKEIKEYEPLTKALKDILGDQVEK
VVVSYKLLDAPAAIRTGQFGWSANMERIMKAQALRDSSMSSYMSSKKTFEISPKSPIIKELKKRVDEGGAQDKTVKDLTN
LLFETALLTSGFSLEEPTSFASRINRLISLGLNIDEDEETETAPEASTEAPVEEVPADTEMEEVD
;
_entity_poly.pdbx_strand_id   A,B
#
loop_
_chem_comp.id
_chem_comp.type
_chem_comp.name
_chem_comp.formula
ANP non-polymer 'PHOSPHOAMINOPHOSPHONIC ACID-ADENYLATE ESTER' 'C10 H17 N6 O12 P3'
MG non-polymer 'MAGNESIUM ION' 'Mg 2'
#
# COMPACT_ATOMS: atom_id res chain seq x y z
N GLY A 3 18.45 19.07 49.84
CA GLY A 3 17.53 19.50 50.89
C GLY A 3 16.58 18.40 51.33
N GLU A 4 15.30 18.60 51.06
CA GLU A 4 14.26 17.63 51.42
C GLU A 4 14.12 16.60 50.31
N THR A 5 14.44 15.34 50.63
CA THR A 5 14.38 14.25 49.68
C THR A 5 13.12 13.42 49.91
N PHE A 6 12.37 13.18 48.84
CA PHE A 6 11.14 12.40 48.91
C PHE A 6 11.17 11.32 47.85
N GLU A 7 10.55 10.19 48.16
CA GLU A 7 10.49 9.06 47.24
C GLU A 7 9.28 9.17 46.31
N PHE A 8 9.43 8.64 45.11
CA PHE A 8 8.35 8.67 44.14
C PHE A 8 7.19 7.79 44.60
N GLN A 9 5.97 8.25 44.31
CA GLN A 9 4.75 7.52 44.66
C GLN A 9 3.95 7.27 43.39
N ALA A 10 2.91 6.45 43.53
CA ALA A 10 2.03 6.12 42.41
C ALA A 10 0.62 5.95 42.93
N GLU A 11 -0.33 6.69 42.36
CA GLU A 11 -1.73 6.58 42.75
C GLU A 11 -2.30 5.27 42.22
N ILE A 12 -2.79 4.43 43.13
CA ILE A 12 -3.26 3.11 42.74
C ILE A 12 -4.55 3.20 41.94
N THR A 13 -5.50 4.03 42.40
CA THR A 13 -6.78 4.14 41.72
C THR A 13 -6.65 4.71 40.31
N GLN A 14 -5.55 5.39 40.01
CA GLN A 14 -5.29 5.91 38.67
C GLN A 14 -4.35 5.05 37.86
N LEU A 15 -3.32 4.47 38.50
CA LEU A 15 -2.42 3.59 37.77
C LEU A 15 -3.15 2.35 37.25
N MET A 16 -4.10 1.84 38.03
CA MET A 16 -4.90 0.71 37.57
C MET A 16 -5.71 1.08 36.32
N SER A 17 -6.36 2.24 36.35
CA SER A 17 -7.13 2.68 35.18
C SER A 17 -6.22 2.94 33.99
N LEU A 18 -4.98 3.36 34.24
CA LEU A 18 -4.04 3.57 33.14
C LEU A 18 -3.77 2.27 32.38
N ILE A 19 -3.87 1.14 33.06
CA ILE A 19 -3.53 -0.16 32.46
C ILE A 19 -4.80 -0.95 32.17
N ILE A 20 -5.93 -0.26 31.99
CA ILE A 20 -7.19 -0.96 31.73
C ILE A 20 -7.87 -0.39 30.49
N ASN A 21 -7.50 0.83 30.09
CA ASN A 21 -8.07 1.36 28.86
C ASN A 21 -7.03 1.91 27.90
N THR A 22 -5.98 2.57 28.41
CA THR A 22 -4.98 3.16 27.54
C THR A 22 -4.15 2.09 26.84
N VAL A 23 -3.44 1.27 27.61
CA VAL A 23 -2.60 0.23 27.06
C VAL A 23 -3.50 -0.95 26.70
N TYR A 24 -2.98 -1.90 25.92
CA TYR A 24 -3.72 -3.04 25.42
C TYR A 24 -4.99 -2.58 24.69
N SER A 25 -4.76 -1.87 23.58
CA SER A 25 -5.86 -1.37 22.77
C SER A 25 -6.76 -2.49 22.27
N ASN A 26 -6.21 -3.70 22.12
CA ASN A 26 -6.99 -4.87 21.75
C ASN A 26 -7.40 -5.62 23.01
N LYS A 27 -8.65 -6.08 23.04
CA LYS A 27 -9.20 -6.75 24.21
C LYS A 27 -9.03 -8.27 24.16
N GLU A 28 -8.60 -8.83 23.04
CA GLU A 28 -8.43 -10.27 22.91
C GLU A 28 -7.07 -10.76 23.36
N ILE A 29 -6.13 -9.86 23.68
CA ILE A 29 -4.79 -10.29 24.08
C ILE A 29 -4.72 -10.71 25.54
N PHE A 30 -5.83 -10.62 26.27
CA PHE A 30 -5.83 -11.10 27.65
C PHE A 30 -5.60 -12.60 27.71
N LEU A 31 -6.14 -13.34 26.72
CA LEU A 31 -5.90 -14.77 26.66
C LEU A 31 -4.44 -15.08 26.35
N ARG A 32 -3.84 -14.34 25.41
CA ARG A 32 -2.44 -14.54 25.09
C ARG A 32 -1.55 -14.31 26.30
N GLU A 33 -1.83 -13.26 27.08
CA GLU A 33 -1.02 -12.98 28.25
C GLU A 33 -1.19 -14.05 29.32
N LEU A 34 -2.41 -14.56 29.50
CA LEU A 34 -2.64 -15.58 30.51
C LEU A 34 -1.98 -16.90 30.14
N ILE A 35 -2.01 -17.26 28.85
CA ILE A 35 -1.30 -18.46 28.43
C ILE A 35 0.21 -18.27 28.57
N SER A 36 0.70 -17.06 28.31
CA SER A 36 2.12 -16.79 28.49
C SER A 36 2.52 -16.92 29.96
N ASN A 37 1.68 -16.44 30.86
CA ASN A 37 1.94 -16.61 32.29
C ASN A 37 1.91 -18.09 32.68
N ALA A 38 0.96 -18.84 32.13
CA ALA A 38 0.91 -20.28 32.40
C ALA A 38 2.13 -20.99 31.83
N SER A 39 2.60 -20.55 30.66
CA SER A 39 3.81 -21.13 30.08
C SER A 39 5.04 -20.80 30.92
N ASP A 40 5.08 -19.59 31.49
CA ASP A 40 6.18 -19.23 32.38
C ASP A 40 6.16 -20.10 33.64
N ALA A 41 4.97 -20.34 34.20
CA ALA A 41 4.87 -21.19 35.38
C ALA A 41 5.31 -22.61 35.08
N LEU A 42 4.93 -23.14 33.91
CA LEU A 42 5.34 -24.49 33.54
C LEU A 42 6.85 -24.55 33.30
N ASP A 43 7.43 -23.49 32.75
CA ASP A 43 8.88 -23.45 32.59
C ASP A 43 9.58 -23.44 33.95
N LYS A 44 8.99 -22.75 34.93
CA LYS A 44 9.55 -22.74 36.27
C LYS A 44 9.51 -24.13 36.90
N ILE A 45 8.36 -24.80 36.79
CA ILE A 45 8.23 -26.13 37.39
C ILE A 45 9.04 -27.17 36.62
N ARG A 46 9.30 -26.93 35.34
CA ARG A 46 10.15 -27.85 34.58
C ARG A 46 11.61 -27.68 34.95
N TYR A 47 12.04 -26.43 35.17
CA TYR A 47 13.41 -26.20 35.64
C TYR A 47 13.59 -26.71 37.07
N GLN A 48 12.54 -26.65 37.89
CA GLN A 48 12.63 -27.19 39.25
C GLN A 48 12.66 -28.71 39.23
N ALA A 49 12.04 -29.34 38.22
CA ALA A 49 12.04 -30.79 38.13
C ALA A 49 13.38 -31.35 37.70
N LEU A 50 14.25 -30.52 37.11
CA LEU A 50 15.57 -30.99 36.69
C LEU A 50 16.45 -31.33 37.89
N SER A 51 16.26 -30.62 39.02
CA SER A 51 17.03 -30.89 40.22
C SER A 51 16.30 -31.76 41.23
N ASP A 52 14.96 -31.82 41.16
CA ASP A 52 14.16 -32.61 42.08
C ASP A 52 12.98 -33.21 41.31
N PRO A 53 13.07 -34.47 40.92
CA PRO A 53 11.96 -35.11 40.19
C PRO A 53 10.70 -35.27 41.04
N LYS A 54 10.78 -35.13 42.36
CA LYS A 54 9.61 -35.26 43.21
C LYS A 54 8.67 -34.07 43.11
N GLN A 55 9.06 -33.00 42.43
CA GLN A 55 8.18 -31.84 42.29
C GLN A 55 7.02 -32.13 41.36
N LEU A 56 7.18 -33.08 40.44
CA LEU A 56 6.13 -33.44 39.50
C LEU A 56 5.34 -34.67 39.94
N GLU A 57 5.59 -35.16 41.16
CA GLU A 57 4.84 -36.32 41.64
C GLU A 57 3.39 -35.98 41.94
N THR A 58 3.11 -34.72 42.29
CA THR A 58 1.74 -34.32 42.56
C THR A 58 0.92 -34.26 41.28
N GLU A 59 1.52 -33.80 40.19
CA GLU A 59 0.87 -33.76 38.89
C GLU A 59 1.90 -33.93 37.79
N PRO A 60 1.96 -35.10 37.15
CA PRO A 60 3.01 -35.33 36.13
C PRO A 60 2.72 -34.65 34.81
N ASP A 61 1.44 -34.43 34.51
CA ASP A 61 1.06 -33.83 33.23
C ASP A 61 1.28 -32.32 33.25
N LEU A 62 1.73 -31.79 32.13
CA LEU A 62 1.97 -30.36 31.95
C LEU A 62 1.11 -29.88 30.80
N PHE A 63 0.09 -29.06 31.11
CA PHE A 63 -0.86 -28.62 30.11
C PHE A 63 -1.54 -27.34 30.60
N ILE A 64 -2.31 -26.74 29.70
CA ILE A 64 -3.15 -25.58 30.02
C ILE A 64 -4.54 -25.89 29.51
N ARG A 65 -5.49 -26.05 30.43
CA ARG A 65 -6.86 -26.42 30.08
C ARG A 65 -7.74 -25.18 30.01
N ILE A 66 -8.53 -25.09 28.94
CA ILE A 66 -9.47 -23.99 28.74
C ILE A 66 -10.87 -24.60 28.73
N THR A 67 -11.61 -24.41 29.82
CA THR A 67 -12.94 -24.99 29.98
C THR A 67 -13.97 -23.87 30.07
N PRO A 68 -14.60 -23.50 28.95
CA PRO A 68 -15.62 -22.46 29.00
C PRO A 68 -16.89 -22.95 29.68
N LYS A 69 -17.57 -22.03 30.37
CA LYS A 69 -18.81 -22.33 31.09
C LYS A 69 -19.82 -21.23 30.80
N PRO A 70 -20.58 -21.35 29.71
CA PRO A 70 -21.57 -20.31 29.39
C PRO A 70 -22.77 -20.28 30.32
N GLU A 71 -22.96 -21.31 31.16
CA GLU A 71 -24.13 -21.33 32.03
C GLU A 71 -24.03 -20.28 33.13
N GLU A 72 -22.82 -19.98 33.61
CA GLU A 72 -22.62 -18.98 34.65
C GLU A 72 -21.72 -17.84 34.20
N LYS A 73 -21.39 -17.77 32.90
CA LYS A 73 -20.62 -16.67 32.32
C LYS A 73 -19.25 -16.55 32.99
N VAL A 74 -18.47 -17.61 32.87
CA VAL A 74 -17.10 -17.63 33.37
C VAL A 74 -16.22 -18.39 32.39
N LEU A 75 -15.04 -17.84 32.11
CA LEU A 75 -14.04 -18.47 31.24
C LEU A 75 -12.84 -18.81 32.12
N GLU A 76 -12.89 -19.98 32.74
CA GLU A 76 -11.84 -20.40 33.66
C GLU A 76 -10.65 -20.98 32.90
N ILE A 77 -9.45 -20.66 33.37
CA ILE A 77 -8.20 -21.11 32.76
C ILE A 77 -7.39 -21.82 33.83
N ARG A 78 -7.13 -23.11 33.61
CA ARG A 78 -6.41 -23.94 34.56
C ARG A 78 -5.13 -24.44 33.92
N ASP A 79 -4.02 -24.35 34.65
CA ASP A 79 -2.74 -24.88 34.22
C ASP A 79 -2.13 -25.68 35.36
N SER A 80 -1.03 -26.37 35.06
CA SER A 80 -0.32 -27.20 36.02
C SER A 80 1.11 -26.71 36.23
N GLY A 81 1.28 -25.39 36.32
CA GLY A 81 2.60 -24.81 36.49
C GLY A 81 3.15 -24.96 37.89
N ILE A 82 4.06 -24.06 38.27
CA ILE A 82 4.67 -24.14 39.60
C ILE A 82 3.69 -23.71 40.68
N GLY A 83 2.81 -22.76 40.37
CA GLY A 83 1.86 -22.26 41.33
C GLY A 83 2.44 -21.17 42.22
N MET A 84 1.55 -20.45 42.89
CA MET A 84 1.91 -19.35 43.77
C MET A 84 1.50 -19.68 45.20
N THR A 85 2.37 -19.34 46.15
CA THR A 85 2.11 -19.58 47.56
C THR A 85 1.30 -18.43 48.14
N LYS A 86 1.17 -18.40 49.47
CA LYS A 86 0.42 -17.33 50.12
C LYS A 86 1.14 -15.99 49.97
N ALA A 87 2.47 -15.99 50.12
CA ALA A 87 3.21 -14.75 49.99
C ALA A 87 3.33 -14.32 48.53
N GLU A 88 3.30 -15.27 47.59
CA GLU A 88 3.41 -14.92 46.18
C GLU A 88 2.14 -14.29 45.66
N LEU A 89 0.99 -14.61 46.26
CA LEU A 89 -0.27 -14.01 45.83
C LEU A 89 -0.41 -12.55 46.28
N ILE A 90 0.49 -12.07 47.11
CA ILE A 90 0.44 -10.70 47.61
C ILE A 90 1.50 -9.82 46.96
N ASN A 91 2.75 -10.31 46.89
CA ASN A 91 3.85 -9.53 46.34
C ASN A 91 4.00 -9.75 44.84
N ASN A 92 3.92 -11.01 44.38
CA ASN A 92 4.14 -11.29 42.97
C ASN A 92 2.92 -10.95 42.12
N LEU A 93 1.71 -11.18 42.65
CA LEU A 93 0.49 -10.98 41.90
C LEU A 93 -0.26 -9.72 42.29
N GLY A 94 -0.18 -9.31 43.55
CA GLY A 94 -0.90 -8.15 44.03
C GLY A 94 -0.20 -6.82 43.89
N THR A 95 1.05 -6.82 43.43
CA THR A 95 1.84 -5.59 43.28
C THR A 95 2.02 -5.28 41.80
N ILE A 96 1.73 -4.02 41.43
CA ILE A 96 1.89 -3.59 40.05
C ILE A 96 3.37 -3.52 39.70
N ALA A 97 3.70 -3.87 38.46
CA ALA A 97 5.06 -3.82 37.93
C ALA A 97 6.02 -4.72 38.69
N LYS A 98 5.51 -5.75 39.36
CA LYS A 98 6.33 -6.73 40.06
C LYS A 98 6.25 -8.04 39.30
N SER A 99 7.35 -8.43 38.66
CA SER A 99 7.41 -9.64 37.85
C SER A 99 8.36 -10.63 38.52
N GLY A 100 7.78 -11.61 39.22
CA GLY A 100 8.60 -12.66 39.80
C GLY A 100 9.24 -13.58 38.79
N THR A 101 8.71 -13.60 37.56
CA THR A 101 9.36 -14.34 36.49
C THR A 101 10.73 -13.77 36.18
N LYS A 102 10.85 -12.44 36.19
CA LYS A 102 12.15 -11.80 36.04
C LYS A 102 13.06 -12.13 37.22
N ALA A 103 12.49 -12.22 38.42
CA ALA A 103 13.29 -12.58 39.59
C ALA A 103 13.80 -14.02 39.49
N PHE A 104 12.99 -14.91 38.91
CA PHE A 104 13.45 -16.28 38.70
C PHE A 104 14.48 -16.35 37.57
N MET A 105 14.36 -15.47 36.57
CA MET A 105 15.31 -15.48 35.46
C MET A 105 16.69 -14.99 35.91
N GLU A 106 16.72 -13.93 36.72
CA GLU A 106 18.00 -13.39 37.18
C GLU A 106 18.66 -14.29 38.22
N ALA A 107 17.90 -15.19 38.85
CA ALA A 107 18.44 -16.13 39.80
C ALA A 107 18.80 -17.48 39.17
N LEU A 108 18.82 -17.55 37.85
CA LEU A 108 19.15 -18.80 37.16
C LEU A 108 20.63 -19.12 37.32
N SER A 109 20.95 -20.42 37.19
CA SER A 109 22.32 -20.87 37.27
C SER A 109 23.06 -20.53 35.99
N ALA A 110 24.39 -20.66 36.05
CA ALA A 110 25.23 -20.38 34.89
C ALA A 110 25.01 -21.43 33.81
N GLY A 111 24.66 -20.97 32.61
CA GLY A 111 24.42 -21.88 31.51
C GLY A 111 23.00 -22.37 31.39
N ALA A 112 22.02 -21.58 31.80
CA ALA A 112 20.63 -21.99 31.74
C ALA A 112 20.15 -22.03 30.28
N ASP A 113 19.09 -22.82 30.06
CA ASP A 113 18.51 -22.96 28.73
C ASP A 113 17.09 -22.43 28.62
N VAL A 114 16.36 -22.32 29.74
CA VAL A 114 14.99 -21.85 29.70
C VAL A 114 14.95 -20.37 29.33
N SER A 115 13.92 -19.98 28.57
CA SER A 115 13.72 -18.60 28.14
C SER A 115 12.29 -18.21 28.49
N MET A 116 12.10 -17.56 29.62
CA MET A 116 10.78 -17.21 30.09
C MET A 116 10.31 -15.90 29.45
N ILE A 117 8.99 -15.72 29.44
CA ILE A 117 8.39 -14.57 28.75
C ILE A 117 8.18 -13.40 29.70
N GLY A 118 7.72 -13.65 30.92
CA GLY A 118 7.40 -12.60 31.86
C GLY A 118 8.58 -11.74 32.26
N GLN A 119 8.54 -10.46 31.89
CA GLN A 119 9.60 -9.53 32.26
C GLN A 119 9.12 -8.15 32.65
N PHE A 120 7.80 -7.91 32.72
CA PHE A 120 7.27 -6.60 33.06
C PHE A 120 6.52 -6.62 34.39
N GLY A 121 5.53 -7.48 34.55
CA GLY A 121 4.78 -7.58 35.78
C GLY A 121 3.41 -6.92 35.76
N VAL A 122 2.92 -6.51 34.59
CA VAL A 122 1.61 -5.85 34.51
C VAL A 122 0.73 -6.58 33.51
N GLY A 123 1.22 -7.72 33.00
CA GLY A 123 0.45 -8.46 32.02
C GLY A 123 -0.72 -9.22 32.60
N PHE A 124 -0.64 -9.61 33.87
CA PHE A 124 -1.74 -10.34 34.50
C PHE A 124 -2.99 -9.48 34.64
N TYR A 125 -2.83 -8.17 34.79
CA TYR A 125 -3.96 -7.26 34.97
C TYR A 125 -4.67 -6.96 33.66
N SER A 126 -4.28 -7.58 32.55
CA SER A 126 -4.96 -7.40 31.29
C SER A 126 -6.27 -8.16 31.20
N LEU A 127 -6.53 -9.08 32.13
CA LEU A 127 -7.76 -9.87 32.09
C LEU A 127 -8.99 -9.03 32.41
N PHE A 128 -8.82 -7.89 33.08
CA PHE A 128 -9.96 -7.05 33.44
C PHE A 128 -10.55 -6.30 32.26
N LEU A 129 -9.97 -6.45 31.06
CA LEU A 129 -10.55 -5.82 29.87
C LEU A 129 -11.89 -6.44 29.51
N VAL A 130 -12.06 -7.73 29.77
CA VAL A 130 -13.30 -8.43 29.45
C VAL A 130 -14.00 -9.00 30.67
N ALA A 131 -13.39 -8.93 31.85
CA ALA A 131 -13.97 -9.47 33.07
C ALA A 131 -14.01 -8.39 34.15
N ASP A 132 -15.09 -8.39 34.93
CA ASP A 132 -15.24 -7.42 36.01
C ASP A 132 -14.62 -7.90 37.32
N ARG A 133 -14.54 -9.22 37.53
CA ARG A 133 -13.95 -9.76 38.74
C ARG A 133 -13.31 -11.10 38.40
N VAL A 134 -12.25 -11.43 39.13
CA VAL A 134 -11.49 -12.66 38.91
C VAL A 134 -11.35 -13.40 40.23
N GLN A 135 -11.25 -14.72 40.15
CA GLN A 135 -11.03 -15.59 41.31
C GLN A 135 -9.85 -16.51 40.97
N VAL A 136 -8.63 -16.03 41.24
CA VAL A 136 -7.42 -16.78 40.92
C VAL A 136 -7.21 -17.81 42.03
N ILE A 137 -7.31 -19.10 41.67
CA ILE A 137 -7.14 -20.19 42.61
C ILE A 137 -5.77 -20.80 42.36
N SER A 138 -4.84 -20.58 43.28
CA SER A 138 -3.48 -21.08 43.17
C SER A 138 -3.25 -22.24 44.14
N LYS A 139 -2.26 -23.06 43.81
CA LYS A 139 -1.90 -24.21 44.64
C LYS A 139 -0.44 -24.55 44.39
N ASN A 140 0.38 -24.41 45.41
CA ASN A 140 1.81 -24.70 45.33
C ASN A 140 2.14 -25.90 46.20
N ASN A 141 3.25 -26.57 45.86
CA ASN A 141 3.69 -27.73 46.63
C ASN A 141 4.22 -27.36 48.01
N GLU A 142 4.62 -26.10 48.20
CA GLU A 142 5.18 -25.65 49.47
C GLU A 142 4.20 -24.84 50.29
N ASP A 143 2.92 -24.85 49.93
CA ASP A 143 1.90 -24.11 50.66
C ASP A 143 0.55 -24.78 50.42
N GLU A 144 -0.53 -24.12 50.85
CA GLU A 144 -1.87 -24.63 50.70
C GLU A 144 -2.53 -24.01 49.45
N GLN A 145 -3.79 -24.35 49.25
CA GLN A 145 -4.57 -23.84 48.11
C GLN A 145 -5.36 -22.63 48.55
N TYR A 146 -5.08 -21.49 47.92
CA TYR A 146 -5.72 -20.23 48.26
C TYR A 146 -6.52 -19.71 47.06
N ILE A 147 -7.31 -18.67 47.32
CA ILE A 147 -8.15 -18.02 46.31
C ILE A 147 -7.80 -16.55 46.29
N TRP A 148 -7.41 -16.05 45.12
CA TRP A 148 -7.06 -14.65 44.93
C TRP A 148 -8.19 -13.96 44.17
N GLU A 149 -8.98 -13.17 44.89
CA GLU A 149 -10.14 -12.49 44.33
C GLU A 149 -9.90 -10.99 44.26
N SER A 150 -10.43 -10.37 43.20
CA SER A 150 -10.29 -8.93 43.01
C SER A 150 -11.50 -8.41 42.24
N ASN A 151 -11.71 -7.10 42.33
CA ASN A 151 -12.80 -6.43 41.64
C ASN A 151 -12.30 -5.28 40.76
N ALA A 152 -11.01 -5.30 40.40
CA ALA A 152 -10.39 -4.24 39.60
C ALA A 152 -10.53 -2.87 40.26
N GLY A 153 -10.54 -2.84 41.59
CA GLY A 153 -10.67 -1.59 42.32
C GLY A 153 -9.36 -1.12 42.90
N GLY A 154 -9.26 -1.11 44.23
CA GLY A 154 -8.06 -0.66 44.89
C GLY A 154 -7.53 -1.64 45.92
N SER A 155 -8.19 -2.78 46.07
CA SER A 155 -7.78 -3.78 47.04
C SER A 155 -8.14 -5.17 46.49
N PHE A 156 -7.58 -6.19 47.13
CA PHE A 156 -7.83 -7.58 46.75
C PHE A 156 -8.00 -8.41 48.01
N THR A 157 -8.69 -9.53 47.86
CA THR A 157 -8.99 -10.44 48.96
C THR A 157 -8.38 -11.80 48.68
N VAL A 158 -7.72 -12.37 49.68
CA VAL A 158 -7.10 -13.68 49.60
C VAL A 158 -7.67 -14.56 50.70
N THR A 159 -8.35 -15.63 50.32
CA THR A 159 -8.98 -16.54 51.27
C THR A 159 -8.55 -17.97 50.98
N LEU A 160 -8.57 -18.78 52.03
CA LEU A 160 -8.20 -20.19 51.89
C LEU A 160 -9.32 -20.95 51.19
N ASP A 161 -8.94 -21.78 50.21
CA ASP A 161 -9.93 -22.49 49.40
C ASP A 161 -10.57 -23.61 50.21
N GLU A 162 -11.89 -23.58 50.30
CA GLU A 162 -12.64 -24.60 51.02
C GLU A 162 -13.81 -25.20 50.23
N VAL A 163 -14.21 -24.59 49.11
CA VAL A 163 -15.38 -25.05 48.37
C VAL A 163 -15.06 -25.45 46.94
N ASN A 164 -13.89 -25.10 46.40
CA ASN A 164 -13.55 -25.44 45.04
C ASN A 164 -12.83 -26.78 44.98
N GLU A 165 -12.41 -27.18 43.79
CA GLU A 165 -11.73 -28.46 43.61
C GLU A 165 -10.34 -28.42 44.21
N ARG A 166 -9.92 -29.54 44.79
CA ARG A 166 -8.59 -29.66 45.38
C ARG A 166 -7.60 -30.06 44.29
N ILE A 167 -7.13 -29.06 43.56
CA ILE A 167 -6.19 -29.30 42.47
C ILE A 167 -4.84 -29.70 43.05
N GLY A 168 -4.09 -30.48 42.29
CA GLY A 168 -2.78 -30.94 42.72
C GLY A 168 -1.73 -29.85 42.69
N ARG A 169 -1.52 -29.26 41.51
CA ARG A 169 -0.52 -28.21 41.36
C ARG A 169 -0.89 -27.37 40.14
N GLY A 170 -0.74 -26.06 40.27
CA GLY A 170 -1.03 -25.11 39.22
C GLY A 170 -1.91 -24.01 39.72
N THR A 171 -2.51 -23.27 38.79
CA THR A 171 -3.37 -22.13 39.09
C THR A 171 -4.64 -22.22 38.27
N VAL A 172 -5.75 -21.81 38.89
CA VAL A 172 -7.05 -21.75 38.23
C VAL A 172 -7.54 -20.32 38.30
N LEU A 173 -7.82 -19.73 37.14
CA LEU A 173 -8.24 -18.33 37.03
C LEU A 173 -9.67 -18.28 36.51
N ARG A 174 -10.61 -18.05 37.41
CA ARG A 174 -12.02 -17.92 37.03
C ARG A 174 -12.27 -16.50 36.54
N LEU A 175 -12.50 -16.35 35.24
CA LEU A 175 -12.69 -15.05 34.61
C LEU A 175 -14.19 -14.82 34.42
N PHE A 176 -14.80 -14.08 35.35
CA PHE A 176 -16.21 -13.72 35.21
C PHE A 176 -16.37 -12.64 34.15
N LEU A 177 -16.66 -13.06 32.92
CA LEU A 177 -16.71 -12.12 31.80
C LEU A 177 -17.87 -11.14 31.94
N LYS A 178 -17.67 -9.95 31.38
CA LYS A 178 -18.70 -8.91 31.42
C LYS A 178 -19.85 -9.28 30.48
N ASP A 179 -20.94 -8.52 30.59
CA ASP A 179 -22.10 -8.77 29.76
C ASP A 179 -21.84 -8.39 28.30
N ASP A 180 -21.07 -7.34 28.07
CA ASP A 180 -20.75 -6.89 26.72
C ASP A 180 -19.54 -7.60 26.13
N GLN A 181 -18.91 -8.51 26.88
CA GLN A 181 -17.75 -9.24 26.41
C GLN A 181 -17.99 -10.75 26.44
N LEU A 182 -19.23 -11.16 26.22
CA LEU A 182 -19.59 -12.58 26.21
C LEU A 182 -19.19 -13.29 24.92
N GLU A 183 -18.55 -12.58 23.99
CA GLU A 183 -18.13 -13.21 22.74
C GLU A 183 -17.01 -14.22 22.95
N TYR A 184 -16.24 -14.10 24.02
CA TYR A 184 -15.12 -14.99 24.30
C TYR A 184 -15.56 -16.30 24.96
N LEU A 185 -16.86 -16.57 25.05
CA LEU A 185 -17.35 -17.81 25.60
C LEU A 185 -17.59 -18.88 24.54
N GLU A 186 -17.50 -18.53 23.26
CA GLU A 186 -17.68 -19.48 22.18
C GLU A 186 -16.35 -20.12 21.78
N GLU A 187 -16.44 -21.28 21.14
CA GLU A 187 -15.23 -21.98 20.73
C GLU A 187 -14.54 -21.31 19.55
N LYS A 188 -15.30 -20.61 18.72
CA LYS A 188 -14.71 -19.98 17.53
C LYS A 188 -13.80 -18.81 17.93
N ARG A 189 -14.25 -17.96 18.86
CA ARG A 189 -13.44 -16.83 19.28
C ARG A 189 -12.19 -17.28 20.02
N ILE A 190 -12.31 -18.30 20.87
CA ILE A 190 -11.16 -18.81 21.60
C ILE A 190 -10.14 -19.42 20.65
N LYS A 191 -10.61 -20.21 19.69
CA LYS A 191 -9.70 -20.82 18.72
C LYS A 191 -9.02 -19.77 17.84
N GLU A 192 -9.75 -18.70 17.51
CA GLU A 192 -9.16 -17.65 16.69
C GLU A 192 -8.09 -16.88 17.46
N VAL A 193 -8.34 -16.60 18.74
CA VAL A 193 -7.35 -15.90 19.55
C VAL A 193 -6.11 -16.77 19.75
N ILE A 194 -6.31 -18.08 19.93
CA ILE A 194 -5.18 -18.99 20.10
C ILE A 194 -4.38 -19.09 18.81
N LYS A 195 -5.07 -19.22 17.66
CA LYS A 195 -4.37 -19.30 16.39
C LYS A 195 -3.64 -18.01 16.05
N ARG A 196 -4.15 -16.87 16.53
CA ARG A 196 -3.54 -15.59 16.18
C ARG A 196 -2.30 -15.30 17.01
N HIS A 197 -2.35 -15.55 18.32
CA HIS A 197 -1.28 -15.18 19.23
C HIS A 197 -0.59 -16.36 19.90
N SER A 198 -1.36 -17.34 20.36
CA SER A 198 -0.85 -18.43 21.21
C SER A 198 -0.78 -19.75 20.45
N GLU A 199 -0.36 -19.71 19.19
CA GLU A 199 -0.36 -20.92 18.37
C GLU A 199 0.87 -21.79 18.62
N PHE A 200 2.03 -21.18 18.88
CA PHE A 200 3.29 -21.90 18.94
C PHE A 200 3.85 -21.97 20.36
N VAL A 201 2.98 -22.20 21.34
CA VAL A 201 3.42 -22.42 22.71
C VAL A 201 3.92 -23.85 22.84
N ALA A 202 5.06 -24.03 23.53
CA ALA A 202 5.66 -25.34 23.66
C ALA A 202 4.77 -26.30 24.45
N TYR A 203 4.02 -25.77 25.42
CA TYR A 203 3.17 -26.67 26.20
C TYR A 203 1.79 -26.79 25.56
N PRO A 204 1.18 -27.97 25.64
CA PRO A 204 -0.12 -28.16 24.99
C PRO A 204 -1.21 -27.30 25.62
N ILE A 205 -2.11 -26.81 24.77
CA ILE A 205 -3.23 -25.99 25.19
C ILE A 205 -4.49 -26.82 25.00
N GLN A 206 -5.12 -27.21 26.11
CA GLN A 206 -6.34 -28.01 26.05
C GLN A 206 -7.57 -27.12 26.09
N LEU A 207 -8.56 -27.45 25.27
CA LEU A 207 -9.80 -26.70 25.17
C LEU A 207 -10.97 -27.66 25.22
N LEU A 208 -11.93 -27.40 26.10
CA LEU A 208 -13.11 -28.23 26.26
C LEU A 208 -14.17 -27.79 25.25
N VAL A 209 -14.52 -28.68 24.33
CA VAL A 209 -15.52 -28.42 23.30
C VAL A 209 -16.78 -29.19 23.68
N THR A 210 -17.89 -28.47 23.82
CA THR A 210 -19.16 -29.09 24.18
C THR A 210 -19.99 -29.42 22.93
N VAL A 260 -21.57 -33.54 24.79
CA VAL A 260 -20.52 -34.34 25.39
C VAL A 260 -19.28 -33.46 25.63
N GLN A 261 -18.63 -33.66 26.77
CA GLN A 261 -17.43 -32.89 27.13
C GLN A 261 -16.19 -33.62 26.62
N GLU A 262 -15.43 -32.96 25.77
CA GLU A 262 -14.21 -33.52 25.21
C GLU A 262 -13.14 -32.44 25.14
N LEU A 263 -11.88 -32.89 25.12
CA LEU A 263 -10.74 -32.00 25.07
C LEU A 263 -10.09 -32.07 23.69
N GLU A 264 -9.61 -30.92 23.21
CA GLU A 264 -8.97 -30.83 21.91
C GLU A 264 -7.74 -29.94 22.03
N GLU A 265 -6.59 -30.46 21.62
CA GLU A 265 -5.34 -29.69 21.68
C GLU A 265 -5.30 -28.69 20.54
N LEU A 266 -5.10 -27.42 20.89
CA LEU A 266 -5.10 -26.34 19.90
C LEU A 266 -3.73 -26.13 19.26
N ASN A 267 -2.66 -26.24 20.06
CA ASN A 267 -1.31 -26.03 19.55
C ASN A 267 -0.67 -27.36 19.16
N LYS A 268 -1.25 -27.97 18.12
CA LYS A 268 -0.75 -29.26 17.64
C LYS A 268 0.52 -29.10 16.83
N THR A 269 0.70 -27.96 16.16
CA THR A 269 1.90 -27.71 15.36
C THR A 269 2.97 -27.11 16.25
N LYS A 270 4.02 -27.90 16.52
CA LYS A 270 5.12 -27.41 17.33
C LYS A 270 6.07 -26.57 16.49
N PRO A 271 6.70 -25.56 17.10
CA PRO A 271 7.63 -24.71 16.33
C PRO A 271 8.87 -25.47 15.91
N LEU A 272 9.48 -24.99 14.81
CA LEU A 272 10.66 -25.63 14.25
C LEU A 272 11.92 -24.79 14.38
N TRP A 273 11.81 -23.54 14.82
CA TRP A 273 13.00 -22.70 14.95
C TRP A 273 13.86 -23.10 16.14
N THR A 274 13.30 -23.82 17.12
CA THR A 274 14.08 -24.25 18.27
C THR A 274 14.89 -25.50 17.97
N ARG A 275 14.41 -26.35 17.06
CA ARG A 275 15.12 -27.57 16.72
C ARG A 275 16.26 -27.28 15.75
N ASN A 276 17.09 -28.28 15.54
CA ASN A 276 18.20 -28.15 14.60
C ASN A 276 17.69 -28.14 13.17
N PRO A 277 18.06 -27.15 12.36
CA PRO A 277 17.54 -27.11 10.98
C PRO A 277 17.95 -28.31 10.14
N SER A 278 19.14 -28.89 10.39
CA SER A 278 19.59 -30.04 9.64
C SER A 278 18.82 -31.32 9.98
N ASP A 279 18.01 -31.30 11.04
CA ASP A 279 17.25 -32.48 11.46
C ASP A 279 15.78 -32.40 11.08
N ILE A 280 15.35 -31.34 10.40
CA ILE A 280 13.97 -31.17 10.01
C ILE A 280 13.75 -31.79 8.63
N THR A 281 12.66 -32.53 8.49
CA THR A 281 12.28 -33.13 7.22
C THR A 281 11.45 -32.16 6.41
N GLN A 282 11.12 -32.54 5.18
CA GLN A 282 10.33 -31.68 4.30
C GLN A 282 8.86 -31.66 4.69
N GLU A 283 8.32 -32.78 5.17
CA GLU A 283 6.92 -32.81 5.56
C GLU A 283 6.67 -31.92 6.78
N GLU A 284 7.63 -31.84 7.70
CA GLU A 284 7.50 -30.94 8.85
C GLU A 284 7.50 -29.49 8.40
N TYR A 285 8.34 -29.14 7.42
CA TYR A 285 8.33 -27.79 6.88
C TYR A 285 7.01 -27.49 6.18
N ASN A 286 6.44 -28.48 5.49
CA ASN A 286 5.16 -28.28 4.84
C ASN A 286 4.05 -28.06 5.86
N ALA A 287 4.04 -28.86 6.94
CA ALA A 287 3.04 -28.68 7.98
C ALA A 287 3.21 -27.34 8.69
N PHE A 288 4.46 -26.92 8.88
CA PHE A 288 4.71 -25.62 9.50
C PHE A 288 4.22 -24.49 8.60
N TYR A 289 4.39 -24.62 7.28
CA TYR A 289 3.91 -23.60 6.37
C TYR A 289 2.38 -23.56 6.33
N LYS A 290 1.75 -24.74 6.41
CA LYS A 290 0.29 -24.78 6.45
C LYS A 290 -0.27 -24.18 7.73
N SER A 291 0.55 -24.04 8.77
CA SER A 291 0.10 -23.48 10.04
C SER A 291 0.34 -21.98 10.13
N ILE A 292 1.47 -21.49 9.63
CA ILE A 292 1.73 -20.06 9.69
C ILE A 292 0.91 -19.29 8.67
N SER A 293 0.55 -19.94 7.56
CA SER A 293 -0.20 -19.31 6.49
C SER A 293 -1.44 -20.13 6.17
N ASN A 294 -2.48 -19.43 5.69
CA ASN A 294 -3.72 -20.08 5.29
C ASN A 294 -3.67 -20.65 3.88
N ASP A 295 -2.48 -20.72 3.28
CA ASP A 295 -2.35 -21.23 1.92
C ASP A 295 -2.56 -22.74 1.90
N TRP A 296 -3.09 -23.23 0.78
CA TRP A 296 -3.34 -24.65 0.59
C TRP A 296 -2.21 -25.37 -0.13
N GLU A 297 -1.32 -24.63 -0.80
CA GLU A 297 -0.22 -25.23 -1.54
C GLU A 297 1.01 -25.38 -0.64
N ASP A 298 1.76 -26.44 -0.89
CA ASP A 298 2.97 -26.70 -0.11
C ASP A 298 4.06 -25.69 -0.50
N PRO A 299 4.96 -25.38 0.43
CA PRO A 299 6.04 -24.43 0.11
C PRO A 299 7.01 -25.02 -0.90
N LEU A 300 7.53 -24.14 -1.77
CA LEU A 300 8.45 -24.58 -2.81
C LEU A 300 9.86 -24.76 -2.24
N TYR A 301 10.34 -23.80 -1.46
CA TYR A 301 11.67 -23.86 -0.88
C TYR A 301 11.63 -23.27 0.52
N VAL A 302 12.46 -23.83 1.40
CA VAL A 302 12.54 -23.40 2.79
C VAL A 302 13.98 -22.98 3.09
N LYS A 303 14.14 -21.86 3.78
CA LYS A 303 15.44 -21.34 4.19
C LYS A 303 15.41 -21.15 5.70
N HIS A 304 16.06 -22.07 6.41
CA HIS A 304 16.13 -22.05 7.87
C HIS A 304 17.55 -21.68 8.27
N PHE A 305 17.76 -20.43 8.66
CA PHE A 305 19.06 -19.94 9.07
C PHE A 305 18.98 -19.38 10.48
N SER A 306 20.16 -19.14 11.07
CA SER A 306 20.26 -18.59 12.41
C SER A 306 21.52 -17.75 12.50
N VAL A 307 21.37 -16.47 12.78
CA VAL A 307 22.49 -15.55 12.91
C VAL A 307 22.87 -15.45 14.38
N GLU A 308 24.15 -15.70 14.67
CA GLU A 308 24.67 -15.67 16.03
C GLU A 308 25.62 -14.49 16.25
N GLY A 309 25.32 -13.37 15.61
CA GLY A 309 26.14 -12.18 15.74
C GLY A 309 25.82 -11.37 16.98
N GLN A 310 25.76 -10.04 16.83
CA GLN A 310 25.45 -9.19 17.97
C GLN A 310 23.99 -9.34 18.40
N LEU A 311 23.11 -9.67 17.47
CA LEU A 311 21.70 -9.91 17.75
C LEU A 311 21.34 -11.30 17.28
N GLU A 312 21.14 -12.22 18.22
CA GLU A 312 20.83 -13.60 17.89
C GLU A 312 19.34 -13.74 17.60
N PHE A 313 19.02 -14.35 16.45
CA PHE A 313 17.62 -14.54 16.06
C PHE A 313 17.53 -15.68 15.05
N ARG A 314 16.41 -16.39 15.10
CA ARG A 314 16.13 -17.47 14.17
C ARG A 314 15.02 -17.07 13.21
N ALA A 315 15.07 -17.60 12.00
CA ALA A 315 14.08 -17.28 10.98
C ALA A 315 13.96 -18.42 10.00
N ILE A 316 12.72 -18.88 9.77
CA ILE A 316 12.45 -19.92 8.80
C ILE A 316 11.60 -19.34 7.67
N LEU A 317 12.27 -18.89 6.61
CA LEU A 317 11.59 -18.25 5.49
C LEU A 317 11.21 -19.30 4.44
N PHE A 318 9.93 -19.31 4.05
CA PHE A 318 9.40 -20.24 3.08
C PHE A 318 9.14 -19.54 1.76
N ILE A 319 9.16 -20.30 0.68
CA ILE A 319 8.89 -19.81 -0.67
C ILE A 319 7.58 -20.46 -1.15
N PRO A 320 6.51 -19.69 -1.36
CA PRO A 320 5.25 -20.30 -1.82
C PRO A 320 5.31 -20.72 -3.29
N LYS A 321 4.20 -21.24 -3.80
CA LYS A 321 4.13 -21.66 -5.19
C LYS A 321 3.38 -20.67 -6.08
N ARG A 322 2.63 -19.75 -5.51
CA ARG A 322 1.89 -18.75 -6.26
C ARG A 322 2.11 -17.37 -5.66
N ALA A 323 2.02 -16.35 -6.51
CA ALA A 323 2.21 -14.99 -6.04
C ALA A 323 0.97 -14.53 -5.26
N PRO A 324 1.15 -13.89 -4.11
CA PRO A 324 0.00 -13.42 -3.32
C PRO A 324 -0.65 -12.15 -3.84
N PHE A 325 -0.24 -11.65 -5.01
CA PHE A 325 -0.82 -10.45 -5.57
C PHE A 325 -1.24 -10.65 -7.02
N ASN A 335 1.86 -7.72 7.46
CA ASN A 335 2.36 -8.22 6.18
C ASN A 335 2.33 -9.75 6.16
N ASN A 336 3.36 -10.34 5.55
CA ASN A 336 3.45 -11.79 5.43
C ASN A 336 4.40 -12.42 6.44
N ILE A 337 5.49 -11.75 6.80
CA ILE A 337 6.48 -12.29 7.71
C ILE A 337 6.08 -11.95 9.14
N LYS A 338 5.84 -12.98 9.93
CA LYS A 338 5.47 -12.81 11.33
C LYS A 338 6.72 -12.74 12.20
N LEU A 339 6.61 -12.03 13.32
CA LEU A 339 7.70 -11.86 14.26
C LEU A 339 7.31 -12.47 15.59
N TYR A 340 8.23 -13.23 16.19
CA TYR A 340 7.99 -13.93 17.44
C TYR A 340 9.10 -13.61 18.43
N VAL A 341 8.70 -13.40 19.68
CA VAL A 341 9.65 -13.16 20.78
C VAL A 341 9.34 -14.17 21.87
N ARG A 342 10.22 -15.17 22.01
CA ARG A 342 10.08 -16.22 23.02
C ARG A 342 8.77 -16.97 22.86
N ARG A 343 8.53 -17.47 21.65
CA ARG A 343 7.36 -18.30 21.32
C ARG A 343 6.05 -17.55 21.50
N VAL A 344 6.08 -16.22 21.38
CA VAL A 344 4.89 -15.39 21.48
C VAL A 344 4.82 -14.49 20.25
N PHE A 345 3.67 -14.50 19.57
CA PHE A 345 3.45 -13.63 18.43
C PHE A 345 3.14 -12.22 18.92
N ILE A 346 3.92 -11.24 18.49
CA ILE A 346 3.74 -9.86 18.92
C ILE A 346 3.03 -9.04 17.85
N THR A 347 3.47 -9.13 16.60
CA THR A 347 2.90 -8.34 15.52
C THR A 347 3.33 -8.93 14.19
N ASP A 348 2.67 -8.45 13.13
CA ASP A 348 3.04 -8.82 11.76
C ASP A 348 2.96 -7.64 10.81
N GLU A 349 3.04 -6.41 11.33
CA GLU A 349 2.93 -5.19 10.55
C GLU A 349 4.22 -4.39 10.58
N ALA A 350 5.35 -5.08 10.48
CA ALA A 350 6.65 -4.42 10.48
C ALA A 350 7.01 -3.95 9.08
N GLU A 351 7.34 -2.66 8.96
CA GLU A 351 7.64 -2.08 7.65
C GLU A 351 9.09 -2.34 7.25
N ASP A 352 10.03 -1.98 8.11
CA ASP A 352 11.45 -2.11 7.79
C ASP A 352 11.93 -3.56 7.82
N LEU A 353 11.08 -4.50 8.23
CA LEU A 353 11.50 -5.89 8.35
C LEU A 353 11.78 -6.50 6.98
N ILE A 354 10.89 -6.28 6.01
CA ILE A 354 11.01 -6.91 4.70
C ILE A 354 10.77 -5.87 3.61
N PRO A 355 11.54 -5.87 2.53
CA PRO A 355 11.28 -4.92 1.43
C PRO A 355 9.94 -5.15 0.78
N GLU A 356 9.57 -4.21 -0.09
CA GLU A 356 8.28 -4.29 -0.76
C GLU A 356 8.27 -5.38 -1.83
N TRP A 357 9.32 -5.41 -2.67
CA TRP A 357 9.40 -6.42 -3.72
C TRP A 357 9.60 -7.82 -3.17
N LEU A 358 9.97 -7.95 -1.90
CA LEU A 358 10.24 -9.24 -1.27
C LEU A 358 9.06 -9.75 -0.45
N SER A 359 7.93 -9.04 -0.47
CA SER A 359 6.78 -9.39 0.37
C SER A 359 6.16 -10.73 0.00
N PHE A 360 6.51 -11.31 -1.15
CA PHE A 360 5.95 -12.60 -1.53
C PHE A 360 6.48 -13.73 -0.67
N VAL A 361 7.57 -13.53 0.05
CA VAL A 361 8.17 -14.58 0.87
C VAL A 361 7.41 -14.70 2.18
N LYS A 362 7.11 -15.93 2.57
CA LYS A 362 6.42 -16.23 3.82
C LYS A 362 7.40 -16.85 4.81
N GLY A 363 7.04 -16.77 6.08
CA GLY A 363 7.86 -17.34 7.13
C GLY A 363 7.75 -16.51 8.40
N VAL A 364 8.45 -16.99 9.43
CA VAL A 364 8.44 -16.36 10.75
C VAL A 364 9.87 -16.12 11.21
N VAL A 365 10.02 -15.14 12.09
CA VAL A 365 11.32 -14.76 12.65
C VAL A 365 11.19 -14.77 14.17
N ASP A 366 12.07 -15.50 14.83
CA ASP A 366 12.10 -15.58 16.29
C ASP A 366 13.34 -14.86 16.80
N SER A 367 13.13 -13.88 17.66
CA SER A 367 14.21 -13.14 18.29
C SER A 367 14.00 -13.11 19.80
N GLU A 368 15.06 -12.76 20.53
CA GLU A 368 15.01 -12.70 21.99
C GLU A 368 15.26 -11.30 22.53
N ASP A 369 16.30 -10.62 22.05
CA ASP A 369 16.67 -9.29 22.53
C ASP A 369 15.98 -8.24 21.67
N LEU A 370 14.68 -8.08 21.89
CA LEU A 370 13.88 -7.10 21.17
C LEU A 370 13.24 -6.13 22.14
N PRO A 371 13.21 -4.83 21.81
CA PRO A 371 12.60 -3.82 22.70
C PRO A 371 11.08 -3.85 22.66
N LEU A 372 10.50 -4.77 23.41
CA LEU A 372 9.04 -4.87 23.49
C LEU A 372 8.47 -3.72 24.31
N ASN A 373 7.34 -3.19 23.86
CA ASN A 373 6.68 -2.08 24.53
C ASN A 373 5.78 -2.61 25.65
N LEU A 374 4.96 -1.74 26.22
CA LEU A 374 4.06 -2.16 27.29
C LEU A 374 2.97 -3.09 26.79
N SER A 375 2.44 -2.81 25.59
CA SER A 375 1.37 -3.62 25.04
C SER A 375 1.85 -4.87 24.33
N ARG A 376 3.16 -5.01 24.11
CA ARG A 376 3.76 -6.19 23.48
C ARG A 376 3.19 -6.43 22.07
N GLU A 377 2.78 -5.36 21.40
CA GLU A 377 2.24 -5.46 20.04
C GLU A 377 3.11 -4.73 19.01
N MET A 378 4.25 -4.19 19.42
CA MET A 378 5.15 -3.51 18.48
C MET A 378 6.52 -3.38 19.14
N LEU A 379 7.51 -3.03 18.32
CA LEU A 379 8.87 -2.83 18.78
C LEU A 379 9.17 -1.34 18.89
N GLN A 380 10.14 -1.02 19.76
CA GLN A 380 10.57 0.36 19.92
C GLN A 380 11.55 0.74 18.82
N GLN A 381 11.65 2.05 18.57
CA GLN A 381 12.54 2.57 17.54
C GLN A 381 13.94 2.70 18.13
N ASN A 382 14.71 1.61 18.05
CA ASN A 382 16.07 1.56 18.54
C ASN A 382 17.09 1.34 17.44
N LYS A 383 16.68 1.47 16.17
CA LYS A 383 17.57 1.32 15.01
C LYS A 383 18.26 -0.05 15.03
N ILE A 384 17.44 -1.11 15.07
CA ILE A 384 17.96 -2.46 15.16
C ILE A 384 17.31 -3.35 14.09
N MET A 385 16.24 -2.84 13.47
CA MET A 385 15.55 -3.62 12.44
C MET A 385 16.28 -3.60 11.10
N LYS A 386 17.22 -2.67 10.90
CA LYS A 386 17.94 -2.62 9.64
C LYS A 386 18.83 -3.84 9.46
N VAL A 387 19.49 -4.30 10.52
CA VAL A 387 20.37 -5.46 10.40
C VAL A 387 19.55 -6.73 10.18
N ILE A 388 18.32 -6.78 10.70
CA ILE A 388 17.46 -7.94 10.44
C ILE A 388 17.02 -7.95 8.98
N ARG A 389 16.67 -6.77 8.44
CA ARG A 389 16.31 -6.68 7.03
C ARG A 389 17.48 -7.07 6.13
N LYS A 390 18.68 -6.63 6.47
CA LYS A 390 19.85 -6.96 5.66
C LYS A 390 20.14 -8.45 5.70
N ASN A 391 20.03 -9.07 6.88
CA ASN A 391 20.27 -10.51 6.99
C ASN A 391 19.22 -11.31 6.23
N ILE A 392 17.96 -10.87 6.30
CA ILE A 392 16.90 -11.57 5.58
C ILE A 392 17.11 -11.47 4.08
N VAL A 393 17.47 -10.28 3.59
CA VAL A 393 17.71 -10.10 2.16
C VAL A 393 18.89 -10.95 1.70
N LYS A 394 19.97 -10.96 2.50
CA LYS A 394 21.15 -11.73 2.12
C LYS A 394 20.85 -13.23 2.12
N LYS A 395 20.13 -13.73 3.12
CA LYS A 395 19.83 -15.15 3.19
C LYS A 395 18.89 -15.57 2.07
N LEU A 396 17.94 -14.70 1.70
CA LEU A 396 17.04 -15.02 0.59
C LEU A 396 17.76 -14.95 -0.75
N ILE A 397 18.76 -14.08 -0.88
CA ILE A 397 19.59 -14.06 -2.07
C ILE A 397 20.37 -15.37 -2.20
N GLU A 398 20.92 -15.85 -1.08
CA GLU A 398 21.58 -17.15 -1.10
C GLU A 398 20.60 -18.27 -1.40
N ALA A 399 19.35 -18.14 -0.90
CA ALA A 399 18.34 -19.14 -1.21
C ALA A 399 18.00 -19.16 -2.69
N PHE A 400 17.89 -17.98 -3.30
CA PHE A 400 17.61 -17.92 -4.73
C PHE A 400 18.77 -18.48 -5.54
N ASN A 401 20.00 -18.25 -5.09
CA ASN A 401 21.17 -18.81 -5.77
C ASN A 401 21.18 -20.34 -5.67
N GLU A 402 20.77 -20.87 -4.52
CA GLU A 402 20.69 -22.32 -4.35
C GLU A 402 19.60 -22.91 -5.24
N ILE A 403 18.47 -22.20 -5.38
CA ILE A 403 17.41 -22.67 -6.27
C ILE A 403 17.88 -22.65 -7.72
N ALA A 404 18.72 -21.67 -8.07
CA ALA A 404 19.25 -21.60 -9.43
C ALA A 404 20.13 -22.80 -9.78
N GLU A 405 20.65 -23.51 -8.78
CA GLU A 405 21.47 -24.68 -9.05
C GLU A 405 20.66 -25.85 -9.60
N ASP A 406 19.35 -25.87 -9.36
CA ASP A 406 18.48 -26.92 -9.85
C ASP A 406 17.73 -26.43 -11.08
N SER A 407 17.42 -27.36 -11.98
CA SER A 407 16.76 -27.02 -13.23
C SER A 407 15.25 -26.91 -13.05
N GLU A 408 14.61 -27.99 -12.59
CA GLU A 408 13.15 -27.99 -12.45
C GLU A 408 12.71 -27.07 -11.32
N GLN A 409 13.48 -27.01 -10.24
CA GLN A 409 13.11 -26.16 -9.11
C GLN A 409 13.12 -24.69 -9.49
N PHE A 410 14.16 -24.26 -10.22
CA PHE A 410 14.22 -22.87 -10.66
C PHE A 410 13.21 -22.58 -11.75
N ASP A 411 12.86 -23.59 -12.56
CA ASP A 411 11.83 -23.40 -13.58
C ASP A 411 10.47 -23.18 -12.93
N LYS A 412 10.18 -23.88 -11.84
CA LYS A 412 8.92 -23.68 -11.13
C LYS A 412 8.93 -22.38 -10.34
N PHE A 413 10.09 -21.96 -9.84
CA PHE A 413 10.18 -20.74 -9.05
C PHE A 413 10.13 -19.50 -9.92
N TYR A 414 10.86 -19.50 -11.04
CA TYR A 414 10.89 -18.33 -11.90
C TYR A 414 9.57 -18.12 -12.62
N SER A 415 8.82 -19.19 -12.87
CA SER A 415 7.53 -19.07 -13.56
C SER A 415 6.45 -18.44 -12.69
N ALA A 416 6.68 -18.34 -11.37
CA ALA A 416 5.69 -17.78 -10.46
C ALA A 416 6.10 -16.44 -9.86
N PHE A 417 7.40 -16.18 -9.73
CA PHE A 417 7.88 -14.96 -9.09
C PHE A 417 8.91 -14.26 -9.97
N ALA A 418 8.61 -14.15 -11.27
CA ALA A 418 9.50 -13.41 -12.16
C ALA A 418 9.33 -11.91 -11.98
N LYS A 419 8.08 -11.44 -11.85
CA LYS A 419 7.83 -10.02 -11.66
C LYS A 419 8.41 -9.52 -10.36
N ASN A 420 8.40 -10.35 -9.31
CA ASN A 420 8.96 -9.93 -8.03
C ASN A 420 10.46 -9.71 -8.13
N ILE A 421 11.16 -10.61 -8.82
CA ILE A 421 12.60 -10.44 -9.00
C ILE A 421 12.89 -9.23 -9.88
N LYS A 422 12.09 -9.03 -10.93
CA LYS A 422 12.32 -7.90 -11.83
C LYS A 422 12.02 -6.58 -11.13
N LEU A 423 11.01 -6.55 -10.25
CA LEU A 423 10.78 -5.37 -9.44
C LEU A 423 11.90 -5.14 -8.44
N GLY A 424 12.50 -6.22 -7.92
CA GLY A 424 13.65 -6.07 -7.05
C GLY A 424 14.83 -5.44 -7.75
N VAL A 425 15.03 -5.77 -9.02
CA VAL A 425 16.07 -5.13 -9.81
C VAL A 425 15.71 -3.66 -10.05
N HIS A 426 14.42 -3.34 -10.09
CA HIS A 426 13.99 -1.99 -10.42
C HIS A 426 14.25 -1.02 -9.27
N GLU A 427 13.81 -1.36 -8.06
CA GLU A 427 13.91 -0.44 -6.94
C GLU A 427 15.17 -0.64 -6.11
N ASP A 428 15.49 -1.88 -5.76
CA ASP A 428 16.66 -2.14 -4.94
C ASP A 428 17.94 -1.91 -5.73
N THR A 429 18.97 -1.42 -5.03
CA THR A 429 20.24 -1.07 -5.65
C THR A 429 21.41 -1.87 -5.11
N GLN A 430 21.44 -2.14 -3.81
CA GLN A 430 22.58 -2.87 -3.23
C GLN A 430 22.64 -4.31 -3.72
N ASN A 431 21.49 -4.93 -3.98
CA ASN A 431 21.43 -6.30 -4.47
C ASN A 431 20.93 -6.36 -5.91
N ARG A 432 21.20 -5.31 -6.70
CA ARG A 432 20.76 -5.30 -8.08
C ARG A 432 21.60 -6.25 -8.93
N ALA A 433 22.93 -6.23 -8.74
CA ALA A 433 23.79 -7.14 -9.49
C ALA A 433 23.57 -8.59 -9.09
N ALA A 434 23.22 -8.85 -7.83
CA ALA A 434 22.95 -10.21 -7.41
C ALA A 434 21.64 -10.73 -7.98
N LEU A 435 20.63 -9.86 -8.06
CA LEU A 435 19.36 -10.24 -8.65
C LEU A 435 19.41 -10.33 -10.18
N ALA A 436 20.41 -9.70 -10.80
CA ALA A 436 20.54 -9.78 -12.25
C ALA A 436 20.91 -11.18 -12.73
N LYS A 437 21.55 -11.98 -11.88
CA LYS A 437 21.91 -13.34 -12.26
C LYS A 437 20.69 -14.25 -12.34
N LEU A 438 19.58 -13.88 -11.71
CA LEU A 438 18.36 -14.69 -11.72
C LEU A 438 17.45 -14.38 -12.89
N LEU A 439 17.72 -13.32 -13.65
CA LEU A 439 16.86 -12.96 -14.77
C LEU A 439 17.00 -13.99 -15.89
N ARG A 440 15.86 -14.54 -16.31
CA ARG A 440 15.81 -15.54 -17.37
C ARG A 440 14.87 -15.06 -18.47
N TYR A 441 15.34 -15.07 -19.70
CA TYR A 441 14.56 -14.64 -20.85
C TYR A 441 14.89 -15.52 -22.04
N ASN A 442 14.06 -15.42 -23.08
CA ASN A 442 14.30 -16.13 -24.33
C ASN A 442 15.15 -15.27 -25.26
N SER A 443 15.69 -15.91 -26.30
CA SER A 443 16.55 -15.23 -27.25
C SER A 443 16.45 -15.93 -28.59
N THR A 444 17.23 -15.44 -29.56
CA THR A 444 17.22 -16.05 -30.89
C THR A 444 17.84 -17.44 -30.88
N LYS A 445 18.78 -17.69 -29.97
CA LYS A 445 19.41 -19.00 -29.84
C LYS A 445 18.80 -19.84 -28.72
N SER A 446 17.84 -19.29 -27.98
CA SER A 446 17.19 -19.97 -26.86
C SER A 446 15.68 -19.79 -26.94
N VAL A 447 15.12 -20.06 -28.12
CA VAL A 447 13.68 -19.87 -28.32
C VAL A 447 12.88 -20.88 -27.49
N ASP A 448 13.48 -22.04 -27.17
CA ASP A 448 12.76 -23.07 -26.44
C ASP A 448 12.93 -22.92 -24.93
N GLU A 449 14.16 -22.97 -24.44
CA GLU A 449 14.46 -22.92 -23.02
C GLU A 449 14.87 -21.51 -22.60
N LEU A 450 14.78 -21.25 -21.31
CA LEU A 450 15.18 -19.95 -20.76
C LEU A 450 16.69 -19.90 -20.55
N THR A 451 17.24 -18.70 -20.64
CA THR A 451 18.68 -18.49 -20.53
C THR A 451 18.94 -17.25 -19.70
N SER A 452 19.90 -17.36 -18.78
CA SER A 452 20.26 -16.24 -17.92
C SER A 452 21.23 -15.31 -18.65
N LEU A 453 21.67 -14.26 -17.95
CA LEU A 453 22.60 -13.31 -18.54
C LEU A 453 24.02 -13.86 -18.57
N THR A 454 24.38 -14.71 -17.61
CA THR A 454 25.72 -15.29 -17.61
C THR A 454 25.93 -16.21 -18.81
N ASP A 455 24.97 -17.10 -19.07
CA ASP A 455 25.04 -17.94 -20.26
C ASP A 455 24.95 -17.11 -21.54
N TYR A 456 24.40 -15.90 -21.46
CA TYR A 456 24.35 -15.03 -22.64
C TYR A 456 25.72 -14.45 -22.96
N VAL A 457 26.41 -13.93 -21.94
CA VAL A 457 27.70 -13.30 -22.19
C VAL A 457 28.80 -14.31 -22.48
N THR A 458 28.62 -15.57 -22.06
CA THR A 458 29.61 -16.59 -22.40
C THR A 458 29.57 -16.96 -23.87
N ARG A 459 28.40 -16.83 -24.50
CA ARG A 459 28.26 -17.11 -25.92
C ARG A 459 28.49 -15.89 -26.80
N MET A 460 28.77 -14.73 -26.20
CA MET A 460 29.02 -13.53 -26.99
C MET A 460 30.37 -13.64 -27.69
N PRO A 461 30.44 -13.27 -28.97
CA PRO A 461 31.73 -13.32 -29.68
C PRO A 461 32.72 -12.32 -29.10
N GLU A 462 33.95 -12.41 -29.58
CA GLU A 462 35.03 -11.56 -29.07
C GLU A 462 34.89 -10.11 -29.51
N HIS A 463 34.13 -9.84 -30.57
CA HIS A 463 33.98 -8.49 -31.11
C HIS A 463 32.68 -7.83 -30.70
N GLN A 464 31.93 -8.43 -29.77
CA GLN A 464 30.70 -7.86 -29.26
C GLN A 464 30.95 -7.23 -27.90
N LYS A 465 30.45 -6.00 -27.72
CA LYS A 465 30.63 -5.27 -26.48
C LYS A 465 29.34 -4.85 -25.80
N ASN A 466 28.19 -5.04 -26.45
CA ASN A 466 26.91 -4.61 -25.90
C ASN A 466 25.94 -5.78 -25.88
N ILE A 467 25.08 -5.79 -24.86
CA ILE A 467 24.04 -6.79 -24.73
C ILE A 467 22.78 -6.26 -25.40
N TYR A 468 22.32 -6.95 -26.43
CA TYR A 468 21.18 -6.53 -27.22
C TYR A 468 19.92 -7.25 -26.75
N TYR A 469 18.82 -6.50 -26.66
CA TYR A 469 17.53 -7.05 -26.27
C TYR A 469 16.43 -6.31 -27.03
N ILE A 470 15.20 -6.81 -26.89
CA ILE A 470 14.05 -6.22 -27.56
C ILE A 470 12.81 -6.49 -26.71
N THR A 471 11.97 -5.47 -26.57
CA THR A 471 10.74 -5.58 -25.80
C THR A 471 9.53 -5.39 -26.71
N GLY A 472 8.46 -6.10 -26.38
CA GLY A 472 7.24 -6.00 -27.16
C GLY A 472 6.06 -6.47 -26.34
N GLU A 473 4.89 -6.50 -26.99
CA GLU A 473 3.67 -6.90 -26.30
C GLU A 473 3.64 -8.40 -26.01
N SER A 474 4.10 -9.21 -26.97
CA SER A 474 4.10 -10.66 -26.83
C SER A 474 5.39 -11.22 -27.42
N LEU A 475 5.57 -12.53 -27.22
CA LEU A 475 6.76 -13.20 -27.74
C LEU A 475 6.67 -13.44 -29.24
N LYS A 476 5.47 -13.72 -29.76
CA LYS A 476 5.30 -13.95 -31.19
C LYS A 476 5.52 -12.69 -32.00
N ALA A 477 5.36 -11.52 -31.40
CA ALA A 477 5.58 -10.26 -32.13
C ALA A 477 7.05 -9.85 -32.14
N VAL A 478 7.86 -10.36 -31.20
CA VAL A 478 9.27 -10.02 -31.15
C VAL A 478 10.17 -11.11 -31.72
N GLU A 479 9.66 -12.33 -31.89
CA GLU A 479 10.49 -13.41 -32.43
C GLU A 479 10.77 -13.22 -33.92
N LYS A 480 9.91 -12.49 -34.63
CA LYS A 480 10.09 -12.24 -36.06
C LYS A 480 10.24 -10.74 -36.36
N SER A 481 10.57 -9.94 -35.35
CA SER A 481 10.65 -8.51 -35.54
C SER A 481 11.78 -8.17 -36.51
N PRO A 482 11.62 -7.13 -37.34
CA PRO A 482 12.67 -6.77 -38.30
C PRO A 482 13.93 -6.22 -37.67
N PHE A 483 13.96 -6.01 -36.35
CA PHE A 483 15.16 -5.54 -35.67
C PHE A 483 16.12 -6.66 -35.31
N LEU A 484 15.78 -7.91 -35.62
CA LEU A 484 16.64 -9.05 -35.30
C LEU A 484 17.57 -9.43 -36.44
N ASP A 485 17.16 -9.21 -37.69
CA ASP A 485 17.98 -9.64 -38.82
C ASP A 485 19.31 -8.92 -38.86
N ALA A 486 19.34 -7.65 -38.42
CA ALA A 486 20.59 -6.92 -38.37
C ALA A 486 21.58 -7.55 -37.39
N LEU A 487 21.07 -8.05 -36.27
CA LEU A 487 21.94 -8.68 -35.29
C LEU A 487 22.18 -10.15 -35.61
N LYS A 488 21.24 -10.80 -36.33
CA LYS A 488 21.45 -12.17 -36.75
C LYS A 488 22.53 -12.27 -37.81
N ALA A 489 22.66 -11.25 -38.67
CA ALA A 489 23.71 -11.26 -39.68
C ALA A 489 25.10 -11.21 -39.05
N LYS A 490 25.24 -10.52 -37.91
CA LYS A 490 26.49 -10.47 -37.17
C LYS A 490 26.63 -11.61 -36.17
N ASN A 491 25.71 -12.56 -36.19
CA ASN A 491 25.72 -13.70 -35.27
C ASN A 491 25.68 -13.24 -33.81
N PHE A 492 24.89 -12.20 -33.54
CA PHE A 492 24.74 -11.64 -32.21
C PHE A 492 23.40 -12.07 -31.62
N GLU A 493 23.44 -12.56 -30.38
CA GLU A 493 22.23 -13.01 -29.71
C GLU A 493 21.49 -11.82 -29.11
N VAL A 494 20.16 -11.87 -29.19
CA VAL A 494 19.31 -10.79 -28.72
C VAL A 494 18.26 -11.39 -27.80
N LEU A 495 18.20 -10.87 -26.57
CA LEU A 495 17.21 -11.35 -25.60
C LEU A 495 15.82 -10.87 -25.98
N PHE A 496 14.81 -11.57 -25.45
CA PHE A 496 13.41 -11.27 -25.71
C PHE A 496 12.75 -10.84 -24.40
N LEU A 497 12.18 -9.63 -24.38
CA LEU A 497 11.48 -9.11 -23.23
C LEU A 497 9.99 -9.05 -23.56
N THR A 498 9.19 -9.86 -22.86
CA THR A 498 7.76 -9.94 -23.10
C THR A 498 6.93 -9.42 -21.94
N ASP A 499 7.56 -9.02 -20.83
CA ASP A 499 6.78 -8.54 -19.70
C ASP A 499 6.86 -7.02 -19.60
N PRO A 500 5.78 -6.37 -19.15
CA PRO A 500 5.80 -4.90 -19.03
C PRO A 500 6.76 -4.37 -17.97
N ILE A 501 7.30 -5.24 -17.11
CA ILE A 501 8.21 -4.83 -16.06
C ILE A 501 9.67 -5.09 -16.42
N ASP A 502 9.94 -5.66 -17.59
CA ASP A 502 11.32 -5.95 -17.98
C ASP A 502 12.11 -4.67 -18.21
N GLU A 503 11.51 -3.69 -18.90
CA GLU A 503 12.21 -2.44 -19.17
C GLU A 503 12.50 -1.65 -17.90
N TYR A 504 11.63 -1.76 -16.90
CA TYR A 504 11.86 -1.07 -15.64
C TYR A 504 13.09 -1.60 -14.90
N ALA A 505 13.49 -2.84 -15.18
CA ALA A 505 14.71 -3.40 -14.61
C ALA A 505 15.92 -3.20 -15.52
N PHE A 506 15.72 -3.29 -16.83
CA PHE A 506 16.82 -3.07 -17.77
C PHE A 506 17.26 -1.63 -17.82
N THR A 507 16.39 -0.69 -17.45
CA THR A 507 16.78 0.72 -17.40
C THR A 507 17.58 1.03 -16.15
N GLN A 508 17.41 0.24 -15.08
CA GLN A 508 18.17 0.43 -13.86
C GLN A 508 19.49 -0.32 -13.86
N LEU A 509 19.59 -1.43 -14.61
CA LEU A 509 20.84 -2.17 -14.66
C LEU A 509 21.88 -1.43 -15.49
N LYS A 510 21.60 -1.22 -16.78
CA LYS A 510 22.41 -0.49 -17.74
C LYS A 510 23.75 -1.16 -18.01
N GLU A 511 24.07 -2.28 -17.38
CA GLU A 511 25.35 -2.95 -17.56
C GLU A 511 25.30 -4.32 -16.87
N PHE A 512 26.07 -5.26 -17.40
CA PHE A 512 26.20 -6.58 -16.81
C PHE A 512 27.57 -7.13 -17.18
N GLU A 513 28.46 -7.22 -16.19
CA GLU A 513 29.84 -7.69 -16.41
C GLU A 513 30.55 -6.85 -17.47
N GLY A 514 30.43 -5.53 -17.33
CA GLY A 514 31.05 -4.61 -18.26
C GLY A 514 30.33 -4.43 -19.58
N LYS A 515 29.35 -5.29 -19.90
CA LYS A 515 28.63 -5.20 -21.15
C LYS A 515 27.42 -4.29 -20.98
N THR A 516 27.35 -3.23 -21.79
CA THR A 516 26.27 -2.26 -21.70
C THR A 516 25.00 -2.81 -22.35
N LEU A 517 23.87 -2.61 -21.67
CA LEU A 517 22.58 -3.05 -22.20
C LEU A 517 22.09 -2.05 -23.24
N VAL A 518 21.94 -2.51 -24.48
CA VAL A 518 21.49 -1.68 -25.59
C VAL A 518 20.22 -2.28 -26.16
N ASP A 519 19.17 -1.46 -26.26
CA ASP A 519 17.92 -1.90 -26.85
C ASP A 519 17.96 -1.69 -28.35
N ILE A 520 17.65 -2.76 -29.11
CA ILE A 520 17.71 -2.67 -30.56
C ILE A 520 16.54 -1.88 -31.13
N THR A 521 15.46 -1.72 -30.37
CA THR A 521 14.36 -0.88 -30.83
C THR A 521 14.74 0.60 -30.83
N LYS A 522 15.67 0.99 -29.97
CA LYS A 522 16.16 2.35 -29.93
C LYS A 522 17.27 2.54 -30.96
N ASP A 523 17.70 3.79 -31.10
CA ASP A 523 18.78 4.10 -32.04
C ASP A 523 20.12 3.63 -31.47
N PHE A 524 20.87 2.91 -32.29
CA PHE A 524 22.18 2.40 -31.88
C PHE A 524 23.03 2.18 -33.12
N GLU A 525 24.34 2.17 -32.91
CA GLU A 525 25.32 2.02 -33.99
C GLU A 525 25.89 0.61 -33.99
N LEU A 526 26.13 0.07 -35.18
CA LEU A 526 26.73 -1.25 -35.35
C LEU A 526 28.12 -1.09 -35.94
N GLU A 527 29.04 -1.95 -35.51
CA GLU A 527 30.41 -1.90 -36.00
C GLU A 527 30.47 -2.35 -37.45
N GLU A 528 31.20 -1.60 -38.27
CA GLU A 528 31.32 -1.88 -39.68
C GLU A 528 32.75 -1.64 -40.14
N THR A 529 33.09 -2.18 -41.30
CA THR A 529 34.40 -2.03 -41.90
C THR A 529 34.42 -0.81 -42.82
N ASP A 530 35.61 -0.22 -42.97
CA ASP A 530 35.77 0.95 -43.84
C ASP A 530 35.33 0.66 -45.27
N GLU A 531 35.53 -0.57 -45.74
CA GLU A 531 35.06 -0.93 -47.08
C GLU A 531 33.54 -0.89 -47.18
N GLU A 532 32.85 -1.17 -46.07
CA GLU A 532 31.40 -1.08 -46.05
C GLU A 532 30.91 0.31 -45.67
N LYS A 533 31.63 1.00 -44.78
CA LYS A 533 31.28 2.37 -44.43
C LYS A 533 31.39 3.30 -45.63
N ALA A 534 32.34 3.03 -46.54
CA ALA A 534 32.48 3.86 -47.73
C ALA A 534 31.26 3.76 -48.63
N GLU A 535 30.83 2.54 -48.95
CA GLU A 535 29.66 2.38 -49.80
C GLU A 535 28.39 2.83 -49.10
N ARG A 536 28.35 2.75 -47.77
CA ARG A 536 27.19 3.25 -47.04
C ARG A 536 27.08 4.76 -47.17
N GLU A 537 28.20 5.47 -47.01
CA GLU A 537 28.19 6.93 -47.16
C GLU A 537 27.91 7.33 -48.60
N LYS A 538 28.33 6.50 -49.57
CA LYS A 538 28.07 6.82 -50.97
C LYS A 538 26.60 6.68 -51.31
N GLU A 539 25.91 5.72 -50.68
CA GLU A 539 24.50 5.47 -50.96
C GLU A 539 23.57 6.31 -50.09
N ILE A 540 24.07 6.88 -48.99
CA ILE A 540 23.22 7.69 -48.12
C ILE A 540 22.84 8.99 -48.81
N LYS A 541 23.83 9.69 -49.38
CA LYS A 541 23.55 10.95 -50.07
C LYS A 541 22.77 10.73 -51.36
N GLU A 542 22.81 9.53 -51.93
CA GLU A 542 22.02 9.26 -53.13
C GLU A 542 20.53 9.21 -52.81
N TYR A 543 20.17 8.74 -51.62
CA TYR A 543 18.78 8.65 -51.19
C TYR A 543 18.29 9.92 -50.52
N GLU A 544 19.14 10.93 -50.38
CA GLU A 544 18.77 12.13 -49.64
C GLU A 544 17.54 12.84 -50.21
N PRO A 545 17.38 13.02 -51.53
CA PRO A 545 16.12 13.62 -52.02
C PRO A 545 14.90 12.82 -51.67
N LEU A 546 15.01 11.48 -51.62
CA LEU A 546 13.87 10.66 -51.25
C LEU A 546 13.49 10.87 -49.79
N THR A 547 14.49 10.95 -48.90
CA THR A 547 14.21 11.22 -47.50
C THR A 547 13.61 12.60 -47.29
N LYS A 548 14.11 13.60 -48.02
CA LYS A 548 13.57 14.95 -47.90
C LYS A 548 12.12 15.00 -48.34
N ALA A 549 11.79 14.32 -49.45
CA ALA A 549 10.41 14.26 -49.90
C ALA A 549 9.53 13.48 -48.93
N LEU A 550 10.06 12.40 -48.36
CA LEU A 550 9.29 11.60 -47.42
C LEU A 550 9.04 12.37 -46.12
N LYS A 551 10.04 13.13 -45.66
CA LYS A 551 9.85 13.94 -44.47
C LYS A 551 8.85 15.06 -44.71
N ASP A 552 8.88 15.65 -45.91
CA ASP A 552 7.91 16.70 -46.25
C ASP A 552 6.49 16.15 -46.26
N ILE A 553 6.32 14.88 -46.64
CA ILE A 553 4.99 14.28 -46.65
C ILE A 553 4.54 13.92 -45.24
N LEU A 554 5.45 13.36 -44.44
CA LEU A 554 5.08 12.95 -43.09
C LEU A 554 4.82 14.14 -42.18
N GLY A 555 5.51 15.25 -42.39
CA GLY A 555 5.29 16.43 -41.57
C GLY A 555 5.92 16.28 -40.20
N ASP A 556 5.11 16.47 -39.17
CA ASP A 556 5.57 16.44 -37.78
C ASP A 556 5.41 15.08 -37.14
N GLN A 557 5.02 14.05 -37.91
CA GLN A 557 4.85 12.73 -37.33
C GLN A 557 6.19 12.12 -36.92
N VAL A 558 7.28 12.48 -37.58
CA VAL A 558 8.60 11.99 -37.26
C VAL A 558 9.55 13.19 -37.15
N GLU A 559 10.65 12.98 -36.45
CA GLU A 559 11.66 14.03 -36.32
C GLU A 559 12.56 14.10 -37.54
N LYS A 560 13.14 12.96 -37.93
CA LYS A 560 14.02 12.90 -39.09
C LYS A 560 13.93 11.52 -39.71
N VAL A 561 14.35 11.43 -40.96
CA VAL A 561 14.33 10.19 -41.72
C VAL A 561 15.75 9.92 -42.20
N VAL A 562 16.32 8.80 -41.76
CA VAL A 562 17.68 8.42 -42.12
C VAL A 562 17.64 7.03 -42.76
N VAL A 563 18.53 6.80 -43.71
CA VAL A 563 18.65 5.50 -44.36
C VAL A 563 19.44 4.58 -43.44
N SER A 564 18.76 3.61 -42.84
CA SER A 564 19.38 2.69 -41.89
C SER A 564 19.64 1.36 -42.57
N TYR A 565 20.86 0.85 -42.42
CA TYR A 565 21.25 -0.43 -43.00
C TYR A 565 20.97 -1.61 -42.06
N LYS A 566 20.27 -1.37 -40.95
CA LYS A 566 19.92 -2.42 -40.01
C LYS A 566 18.61 -3.11 -40.37
N LEU A 567 18.14 -2.96 -41.61
CA LEU A 567 16.92 -3.59 -42.08
C LEU A 567 17.24 -4.36 -43.35
N LEU A 568 16.94 -5.67 -43.34
CA LEU A 568 17.22 -6.53 -44.48
C LEU A 568 15.95 -7.03 -45.18
N ASP A 569 15.03 -7.63 -44.43
CA ASP A 569 13.81 -8.16 -45.02
C ASP A 569 12.63 -7.18 -44.99
N ALA A 570 12.72 -6.14 -44.16
CA ALA A 570 11.62 -5.18 -44.09
C ALA A 570 11.93 -3.95 -44.94
N PRO A 571 10.93 -3.40 -45.63
CA PRO A 571 11.19 -2.21 -46.44
C PRO A 571 11.53 -0.98 -45.61
N ALA A 572 10.95 -0.84 -44.42
CA ALA A 572 11.21 0.31 -43.57
C ALA A 572 10.81 -0.03 -42.14
N ALA A 573 11.33 0.76 -41.21
CA ALA A 573 10.99 0.61 -39.79
C ALA A 573 11.10 1.98 -39.13
N ILE A 574 10.52 2.08 -37.93
CA ILE A 574 10.49 3.32 -37.18
C ILE A 574 10.97 3.04 -35.76
N ARG A 575 11.82 3.93 -35.25
CA ARG A 575 12.38 3.81 -33.90
C ARG A 575 12.00 5.03 -33.08
N THR A 576 12.25 4.95 -31.77
CA THR A 576 11.97 6.08 -30.89
C THR A 576 13.12 7.08 -30.90
N GLY A 577 14.34 6.62 -30.66
CA GLY A 577 15.49 7.50 -30.60
C GLY A 577 16.61 6.86 -29.79
N GLN A 578 17.41 7.72 -29.17
CA GLN A 578 18.52 7.29 -28.32
C GLN A 578 18.19 7.36 -26.84
N PHE A 579 17.46 8.38 -26.42
CA PHE A 579 17.07 8.58 -25.03
C PHE A 579 15.55 8.47 -24.89
N GLY A 580 15.06 8.73 -23.69
CA GLY A 580 13.62 8.72 -23.47
C GLY A 580 13.03 7.32 -23.44
N TRP A 581 11.71 7.28 -23.60
CA TRP A 581 10.97 6.02 -23.55
C TRP A 581 11.14 5.26 -24.86
N SER A 582 10.90 3.95 -24.80
CA SER A 582 10.99 3.08 -25.95
C SER A 582 9.62 2.99 -26.62
N ALA A 583 9.48 2.07 -27.58
CA ALA A 583 8.21 1.91 -28.28
C ALA A 583 7.16 1.30 -27.38
N ASN A 584 7.53 0.30 -26.58
CA ASN A 584 6.58 -0.34 -25.69
C ASN A 584 6.42 0.39 -24.37
N MET A 585 7.41 1.20 -23.97
CA MET A 585 7.33 1.89 -22.68
C MET A 585 6.20 2.91 -22.67
N GLU A 586 6.10 3.73 -23.72
CA GLU A 586 5.04 4.72 -23.78
C GLU A 586 3.66 4.07 -23.90
N ARG A 587 3.58 2.94 -24.59
CA ARG A 587 2.31 2.23 -24.67
C ARG A 587 1.87 1.71 -23.31
N ILE A 588 2.82 1.16 -22.53
CA ILE A 588 2.49 0.68 -21.19
C ILE A 588 2.09 1.84 -20.29
N MET A 589 2.80 2.98 -20.40
CA MET A 589 2.48 4.14 -19.58
C MET A 589 1.09 4.67 -19.89
N LYS A 590 0.70 4.66 -21.17
CA LYS A 590 -0.63 5.12 -21.55
C LYS A 590 -1.71 4.06 -21.34
N ALA A 591 -1.34 2.84 -20.99
CA ALA A 591 -2.29 1.77 -20.74
C ALA A 591 -2.43 1.44 -19.25
N GLN A 592 -1.69 2.13 -18.39
CA GLN A 592 -1.79 1.87 -16.96
C GLN A 592 -3.09 2.45 -16.41
N ALA A 593 -3.64 1.77 -15.40
CA ALA A 593 -4.90 2.22 -14.79
C ALA A 593 -4.69 3.50 -13.97
N LEU A 594 -3.54 3.64 -13.32
CA LEU A 594 -3.25 4.79 -12.49
C LEU A 594 -2.52 5.89 -13.24
N ARG A 595 -2.39 5.78 -14.55
CA ARG A 595 -1.71 6.79 -15.35
C ARG A 595 -2.62 7.34 -16.44
N SER A 605 5.29 9.47 -28.43
CA SER A 605 6.28 10.52 -28.19
C SER A 605 7.11 10.78 -29.45
N LYS A 606 8.41 10.91 -29.27
CA LYS A 606 9.30 11.17 -30.39
C LYS A 606 9.48 9.92 -31.24
N LYS A 607 9.65 10.12 -32.54
CA LYS A 607 9.79 9.01 -33.48
C LYS A 607 10.83 9.37 -34.54
N THR A 608 11.68 8.41 -34.87
CA THR A 608 12.64 8.54 -35.96
C THR A 608 12.36 7.44 -36.97
N PHE A 609 12.17 7.82 -38.23
CA PHE A 609 11.79 6.91 -39.29
C PHE A 609 13.03 6.48 -40.07
N GLU A 610 13.08 5.20 -40.44
CA GLU A 610 14.20 4.64 -41.17
C GLU A 610 13.69 3.83 -42.36
N ILE A 611 14.57 3.63 -43.34
CA ILE A 611 14.27 2.86 -44.53
C ILE A 611 15.47 1.98 -44.88
N SER A 612 15.19 0.90 -45.60
CA SER A 612 16.24 0.00 -46.08
C SER A 612 16.52 0.28 -47.55
N PRO A 613 17.76 0.61 -47.93
CA PRO A 613 18.02 1.01 -49.32
C PRO A 613 18.04 -0.13 -50.32
N LYS A 614 18.04 -1.39 -49.88
CA LYS A 614 18.11 -2.53 -50.78
C LYS A 614 16.76 -3.23 -50.95
N SER A 615 15.68 -2.64 -50.43
CA SER A 615 14.39 -3.29 -50.64
C SER A 615 13.80 -2.86 -51.98
N PRO A 616 13.06 -3.75 -52.64
CA PRO A 616 12.41 -3.36 -53.90
C PRO A 616 11.38 -2.27 -53.74
N ILE A 617 10.77 -2.15 -52.55
CA ILE A 617 9.77 -1.11 -52.32
C ILE A 617 10.43 0.27 -52.32
N ILE A 618 11.53 0.41 -51.58
CA ILE A 618 12.24 1.69 -51.54
C ILE A 618 12.91 1.99 -52.87
N LYS A 619 13.41 0.95 -53.55
CA LYS A 619 14.04 1.17 -54.85
C LYS A 619 13.03 1.65 -55.89
N GLU A 620 11.78 1.20 -55.79
CA GLU A 620 10.74 1.68 -56.70
C GLU A 620 10.28 3.07 -56.32
N LEU A 621 10.20 3.36 -55.00
CA LEU A 621 9.83 4.69 -54.55
C LEU A 621 10.90 5.71 -54.86
N LYS A 622 12.15 5.27 -55.00
CA LYS A 622 13.25 6.18 -55.34
C LYS A 622 13.05 6.79 -56.73
N LYS A 623 12.67 5.96 -57.69
CA LYS A 623 12.46 6.44 -59.06
C LYS A 623 11.20 7.28 -59.20
N ARG A 624 10.34 7.32 -58.17
CA ARG A 624 9.14 8.14 -58.26
C ARG A 624 9.47 9.62 -58.15
N VAL A 625 10.39 9.98 -57.25
CA VAL A 625 10.77 11.38 -57.08
C VAL A 625 11.73 11.86 -58.14
N ASP A 626 12.34 10.95 -58.91
CA ASP A 626 13.26 11.36 -59.96
C ASP A 626 12.51 12.00 -61.13
N GLU A 627 11.25 11.62 -61.35
CA GLU A 627 10.42 12.19 -62.40
C GLU A 627 9.54 13.33 -61.89
N GLY A 628 9.92 13.96 -60.78
CA GLY A 628 9.12 15.02 -60.21
C GLY A 628 7.95 14.53 -59.36
N GLY A 629 8.13 13.41 -58.66
CA GLY A 629 7.05 12.86 -57.86
C GLY A 629 7.19 13.10 -56.37
N ALA A 630 7.67 14.29 -56.02
CA ALA A 630 7.84 14.62 -54.60
C ALA A 630 6.51 15.01 -53.95
N GLN A 631 5.57 15.55 -54.71
CA GLN A 631 4.29 16.02 -54.18
C GLN A 631 3.11 15.47 -54.97
N ASP A 632 3.24 14.26 -55.52
CA ASP A 632 2.13 13.66 -56.24
C ASP A 632 1.06 13.18 -55.27
N LYS A 633 -0.11 12.88 -55.83
CA LYS A 633 -1.23 12.40 -55.02
C LYS A 633 -1.15 10.91 -54.73
N THR A 634 -0.52 10.14 -55.62
CA THR A 634 -0.42 8.70 -55.43
C THR A 634 0.74 8.29 -54.54
N VAL A 635 1.72 9.18 -54.32
CA VAL A 635 2.85 8.84 -53.48
C VAL A 635 2.54 9.12 -52.01
N LYS A 636 1.67 10.10 -51.73
CA LYS A 636 1.35 10.41 -50.34
C LYS A 636 0.56 9.29 -49.69
N ASP A 637 -0.34 8.65 -50.44
CA ASP A 637 -1.08 7.51 -49.91
C ASP A 637 -0.13 6.38 -49.53
N LEU A 638 0.82 6.06 -50.42
CA LEU A 638 1.79 5.01 -50.12
C LEU A 638 2.69 5.41 -48.96
N THR A 639 3.08 6.69 -48.89
CA THR A 639 3.95 7.15 -47.81
C THR A 639 3.26 7.02 -46.47
N ASN A 640 2.01 7.49 -46.36
CA ASN A 640 1.28 7.39 -45.11
C ASN A 640 1.00 5.92 -44.75
N LEU A 641 0.62 5.11 -45.74
CA LEU A 641 0.31 3.72 -45.48
C LEU A 641 1.54 2.96 -44.99
N LEU A 642 2.68 3.17 -45.66
CA LEU A 642 3.92 2.52 -45.22
C LEU A 642 4.36 3.03 -43.86
N PHE A 643 4.09 4.30 -43.55
CA PHE A 643 4.44 4.83 -42.24
C PHE A 643 3.63 4.16 -41.13
N GLU A 644 2.33 4.00 -41.34
CA GLU A 644 1.50 3.33 -40.34
C GLU A 644 1.83 1.84 -40.25
N THR A 645 2.30 1.24 -41.34
CA THR A 645 2.73 -0.16 -41.30
C THR A 645 3.99 -0.31 -40.46
N ALA A 646 4.97 0.57 -40.65
CA ALA A 646 6.15 0.58 -39.80
C ALA A 646 5.77 0.91 -38.37
N LEU A 647 4.80 1.82 -38.19
CA LEU A 647 4.31 2.13 -36.85
C LEU A 647 3.68 0.90 -36.19
N LEU A 648 3.11 0.00 -37.00
CA LEU A 648 2.53 -1.23 -36.47
C LEU A 648 3.61 -2.24 -36.08
N THR A 649 4.53 -2.51 -37.00
CA THR A 649 5.52 -3.56 -36.80
C THR A 649 6.57 -3.20 -35.75
N SER A 650 6.66 -1.94 -35.34
CA SER A 650 7.65 -1.54 -34.35
C SER A 650 7.11 -1.61 -32.92
N GLY A 651 5.80 -1.62 -32.75
CA GLY A 651 5.19 -1.72 -31.44
C GLY A 651 4.48 -0.48 -30.94
N PHE A 652 4.09 0.43 -31.81
CA PHE A 652 3.37 1.64 -31.42
C PHE A 652 1.87 1.42 -31.57
N SER A 653 1.10 2.49 -31.41
CA SER A 653 -0.33 2.49 -31.62
C SER A 653 -0.69 3.58 -32.63
N LEU A 654 -1.63 3.26 -33.51
CA LEU A 654 -2.01 4.20 -34.56
C LEU A 654 -2.75 5.40 -33.99
N GLU A 655 -2.63 6.53 -34.67
CA GLU A 655 -3.36 7.73 -34.27
C GLU A 655 -4.86 7.53 -34.48
N GLU A 656 -5.26 6.96 -35.62
CA GLU A 656 -6.65 6.65 -35.89
C GLU A 656 -6.74 5.43 -36.80
N PRO A 657 -7.34 4.34 -36.33
CA PRO A 657 -7.47 3.14 -37.18
C PRO A 657 -8.46 3.31 -38.32
N THR A 658 -9.30 4.33 -38.30
CA THR A 658 -10.27 4.52 -39.37
C THR A 658 -9.58 4.86 -40.68
N SER A 659 -8.58 5.76 -40.64
CA SER A 659 -7.86 6.10 -41.86
C SER A 659 -7.08 4.92 -42.41
N PHE A 660 -6.45 4.15 -41.52
CA PHE A 660 -5.73 2.95 -41.96
C PHE A 660 -6.68 1.93 -42.56
N ALA A 661 -7.85 1.74 -41.95
CA ALA A 661 -8.81 0.77 -42.47
C ALA A 661 -9.34 1.20 -43.83
N SER A 662 -9.59 2.51 -44.01
CA SER A 662 -10.12 2.99 -45.28
C SER A 662 -9.09 2.86 -46.39
N ARG A 663 -7.82 3.14 -46.09
CA ARG A 663 -6.77 2.97 -47.09
C ARG A 663 -6.63 1.51 -47.51
N ILE A 664 -6.70 0.59 -46.54
CA ILE A 664 -6.63 -0.83 -46.86
C ILE A 664 -7.83 -1.24 -47.69
N ASN A 665 -9.01 -0.73 -47.37
CA ASN A 665 -10.20 -1.02 -48.16
C ASN A 665 -10.10 -0.47 -49.57
N ARG A 666 -9.40 0.66 -49.74
CA ARG A 666 -9.15 1.18 -51.08
C ARG A 666 -8.26 0.24 -51.88
N LEU A 667 -7.23 -0.32 -51.23
CA LEU A 667 -6.39 -1.32 -51.91
C LEU A 667 -7.20 -2.55 -52.28
N ILE A 668 -8.12 -2.97 -51.40
CA ILE A 668 -8.93 -4.15 -51.69
C ILE A 668 -9.84 -3.89 -52.88
N SER A 669 -10.45 -2.70 -52.94
CA SER A 669 -11.28 -2.36 -54.09
C SER A 669 -10.46 -2.30 -55.37
N LEU A 670 -9.23 -1.80 -55.28
CA LEU A 670 -8.36 -1.75 -56.45
C LEU A 670 -7.94 -3.15 -56.89
N GLY A 671 -7.66 -4.03 -55.93
CA GLY A 671 -7.26 -5.38 -56.28
C GLY A 671 -8.42 -6.24 -56.77
N LEU A 672 -9.64 -5.92 -56.34
CA LEU A 672 -10.84 -6.65 -56.76
C LEU A 672 -11.47 -6.06 -58.01
N ASN A 673 -10.79 -5.11 -58.67
CA ASN A 673 -11.32 -4.45 -59.87
C ASN A 673 -12.68 -3.81 -59.61
N ILE A 674 -12.80 -3.12 -58.48
CA ILE A 674 -14.03 -2.44 -58.10
C ILE A 674 -13.95 -1.00 -58.55
N ASP A 675 -14.85 -0.59 -59.44
CA ASP A 675 -14.87 0.77 -59.96
C ASP A 675 -15.85 1.64 -59.19
N GLY B 3 -11.87 -13.20 54.51
CA GLY B 3 -10.46 -13.38 54.77
C GLY B 3 -9.68 -12.08 54.86
N GLU B 4 -8.37 -12.17 54.67
CA GLU B 4 -7.52 -10.98 54.74
C GLU B 4 -7.62 -10.17 53.46
N THR B 5 -7.60 -8.86 53.60
CA THR B 5 -7.72 -7.93 52.48
C THR B 5 -6.52 -7.01 52.45
N PHE B 6 -5.88 -6.91 51.29
CA PHE B 6 -4.73 -6.03 51.09
C PHE B 6 -4.97 -5.14 49.88
N GLU B 7 -4.36 -3.95 49.91
CA GLU B 7 -4.48 -3.00 48.81
C GLU B 7 -3.34 -3.22 47.81
N PHE B 8 -3.58 -2.73 46.59
CA PHE B 8 -2.59 -2.89 45.53
C PHE B 8 -1.38 -1.98 45.77
N GLN B 9 -0.22 -2.46 45.35
CA GLN B 9 1.04 -1.73 45.47
C GLN B 9 1.71 -1.70 44.11
N ALA B 10 2.72 -0.84 43.97
CA ALA B 10 3.47 -0.71 42.73
C ALA B 10 4.95 -0.51 43.06
N GLU B 11 5.80 -1.31 42.43
CA GLU B 11 7.24 -1.19 42.61
C GLU B 11 7.73 0.01 41.82
N ILE B 12 8.18 1.06 42.54
CA ILE B 12 8.56 2.30 41.89
C ILE B 12 9.82 2.11 41.05
N THR B 13 10.80 1.38 41.58
CA THR B 13 12.07 1.19 40.86
C THR B 13 11.87 0.45 39.53
N GLN B 14 10.78 -0.28 39.38
CA GLN B 14 10.47 -0.97 38.12
C GLN B 14 9.41 -0.25 37.30
N LEU B 15 8.44 0.40 37.96
CA LEU B 15 7.42 1.12 37.23
C LEU B 15 7.99 2.32 36.49
N MET B 16 9.00 2.97 37.08
CA MET B 16 9.62 4.13 36.44
C MET B 16 10.27 3.74 35.11
N SER B 17 11.07 2.67 35.12
CA SER B 17 11.68 2.21 33.88
C SER B 17 10.64 1.67 32.91
N LEU B 18 9.56 1.08 33.44
CA LEU B 18 8.50 0.57 32.58
C LEU B 18 7.79 1.70 31.84
N ILE B 19 7.58 2.83 32.52
CA ILE B 19 6.91 3.97 31.89
C ILE B 19 7.83 4.71 30.94
N ILE B 20 9.12 4.80 31.30
CA ILE B 20 10.05 5.60 30.50
C ILE B 20 10.46 4.86 29.24
N ASN B 21 10.95 3.63 29.37
CA ASN B 21 11.57 2.93 28.25
C ASN B 21 10.57 2.14 27.41
N THR B 22 9.61 1.47 28.04
CA THR B 22 8.76 0.50 27.35
C THR B 22 7.32 0.99 27.20
N VAL B 23 7.14 2.28 26.92
CA VAL B 23 5.80 2.82 26.67
C VAL B 23 5.78 3.54 25.33
N TYR B 24 6.71 4.48 25.15
CA TYR B 24 6.77 5.28 23.93
C TYR B 24 7.75 4.66 22.94
N SER B 25 7.38 4.64 21.67
CA SER B 25 8.25 4.09 20.63
C SER B 25 9.35 5.06 20.26
N ASN B 26 9.03 6.34 20.12
CA ASN B 26 10.01 7.36 19.77
C ASN B 26 10.41 8.16 20.99
N LYS B 27 11.59 8.80 20.89
CA LYS B 27 12.15 9.58 21.98
C LYS B 27 12.04 11.08 21.74
N GLU B 28 11.38 11.50 20.66
CA GLU B 28 11.24 12.92 20.35
C GLU B 28 9.93 13.52 20.85
N ILE B 29 8.99 12.70 21.33
CA ILE B 29 7.70 13.21 21.81
C ILE B 29 7.81 13.79 23.20
N PHE B 30 8.98 13.77 23.83
CA PHE B 30 9.14 14.40 25.14
C PHE B 30 8.92 15.90 25.05
N LEU B 31 9.35 16.52 23.95
CA LEU B 31 9.12 17.95 23.75
C LEU B 31 7.63 18.24 23.58
N ARG B 32 6.92 17.38 22.82
CA ARG B 32 5.49 17.56 22.63
C ARG B 32 4.75 17.49 23.97
N GLU B 33 5.14 16.56 24.84
CA GLU B 33 4.48 16.43 26.13
C GLU B 33 4.78 17.64 27.02
N LEU B 34 6.01 18.15 26.96
CA LEU B 34 6.36 19.30 27.79
C LEU B 34 5.61 20.55 27.34
N ILE B 35 5.44 20.74 26.03
CA ILE B 35 4.65 21.87 25.55
C ILE B 35 3.18 21.68 25.92
N SER B 36 2.69 20.43 25.89
CA SER B 36 1.32 20.17 26.29
C SER B 36 1.11 20.48 27.76
N ASN B 37 2.08 20.13 28.60
CA ASN B 37 2.00 20.49 30.01
C ASN B 37 2.08 21.99 30.20
N ALA B 38 2.93 22.66 29.43
CA ALA B 38 3.01 24.12 29.50
C ALA B 38 1.72 24.77 29.02
N SER B 39 1.10 24.21 27.98
CA SER B 39 -0.17 24.74 27.51
C SER B 39 -1.28 24.52 28.54
N ASP B 40 -1.24 23.40 29.25
CA ASP B 40 -2.20 23.15 30.31
C ASP B 40 -2.03 24.15 31.45
N ALA B 41 -0.78 24.45 31.80
CA ALA B 41 -0.52 25.43 32.86
C ALA B 41 -0.99 26.82 32.45
N LEU B 42 -0.77 27.19 31.19
CA LEU B 42 -1.23 28.49 30.71
C LEU B 42 -2.75 28.56 30.67
N ASP B 43 -3.41 27.45 30.33
CA ASP B 43 -4.87 27.41 30.36
C ASP B 43 -5.38 27.55 31.79
N LYS B 44 -4.66 26.98 32.76
CA LYS B 44 -5.04 27.13 34.17
C LYS B 44 -4.92 28.58 34.62
N ILE B 45 -3.78 29.22 34.31
CA ILE B 45 -3.58 30.60 34.74
C ILE B 45 -4.50 31.55 33.97
N ARG B 46 -4.91 31.17 32.75
CA ARG B 46 -5.85 31.99 32.02
C ARG B 46 -7.26 31.88 32.60
N TYR B 47 -7.67 30.66 32.95
CA TYR B 47 -8.96 30.47 33.61
C TYR B 47 -9.00 31.17 34.96
N GLN B 48 -7.86 31.21 35.67
CA GLN B 48 -7.78 31.95 36.91
C GLN B 48 -7.75 33.45 36.70
N ALA B 49 -7.34 33.90 35.51
CA ALA B 49 -7.30 35.33 35.21
C ALA B 49 -8.68 35.89 34.86
N LEU B 50 -9.60 35.05 34.39
CA LEU B 50 -10.95 35.53 34.07
C LEU B 50 -11.70 35.97 35.33
N SER B 51 -11.39 35.36 36.48
CA SER B 51 -12.01 35.72 37.74
C SER B 51 -11.17 36.67 38.57
N ASP B 52 -9.89 36.84 38.25
CA ASP B 52 -8.99 37.72 39.01
C ASP B 52 -7.93 38.25 38.06
N PRO B 53 -8.05 39.49 37.59
CA PRO B 53 -7.05 40.04 36.67
C PRO B 53 -5.69 40.29 37.30
N LYS B 54 -5.61 40.31 38.64
CA LYS B 54 -4.33 40.56 39.30
C LYS B 54 -3.39 39.36 39.23
N GLN B 55 -3.86 38.22 38.72
CA GLN B 55 -2.99 37.04 38.62
C GLN B 55 -1.96 37.18 37.50
N LEU B 56 -2.16 38.12 36.57
CA LEU B 56 -1.24 38.33 35.47
C LEU B 56 -0.40 39.59 35.65
N GLU B 57 -0.39 40.18 36.85
CA GLU B 57 0.40 41.37 37.08
C GLU B 57 1.89 41.07 37.11
N THR B 58 2.27 39.89 37.60
CA THR B 58 3.69 39.53 37.64
C THR B 58 4.21 39.25 36.24
N GLU B 59 3.57 38.35 35.52
CA GLU B 59 3.95 38.01 34.15
C GLU B 59 2.75 38.23 33.23
N PRO B 60 2.70 39.35 32.51
CA PRO B 60 1.52 39.60 31.67
C PRO B 60 1.49 38.75 30.40
N ASP B 61 2.64 38.47 29.82
CA ASP B 61 2.70 37.71 28.57
C ASP B 61 2.57 36.22 28.85
N LEU B 62 1.88 35.51 27.95
CA LEU B 62 1.69 34.08 28.03
C LEU B 62 2.39 33.44 26.83
N PHE B 63 3.47 32.70 27.10
CA PHE B 63 4.27 32.11 26.03
C PHE B 63 5.06 30.95 26.61
N ILE B 64 5.70 30.20 25.70
CA ILE B 64 6.60 29.11 26.06
C ILE B 64 7.94 29.37 25.37
N ARG B 65 8.99 29.56 26.17
CA ARG B 65 10.32 29.85 25.65
C ARG B 65 11.19 28.60 25.78
N ILE B 66 11.81 28.20 24.67
CA ILE B 66 12.73 27.07 24.64
C ILE B 66 14.11 27.59 24.25
N THR B 67 15.11 27.29 25.06
CA THR B 67 16.46 27.81 24.88
C THR B 67 17.47 26.67 24.86
N PRO B 68 17.96 26.28 23.69
CA PRO B 68 19.01 25.26 23.64
C PRO B 68 20.38 25.84 23.92
N LYS B 69 21.19 25.08 24.65
CA LYS B 69 22.55 25.49 25.01
C LYS B 69 23.49 24.34 24.71
N PRO B 70 24.12 24.33 23.54
CA PRO B 70 25.04 23.23 23.22
C PRO B 70 26.31 23.23 24.05
N GLU B 71 26.79 24.41 24.48
CA GLU B 71 28.02 24.48 25.26
C GLU B 71 27.84 23.93 26.67
N GLU B 72 26.60 23.84 27.16
CA GLU B 72 26.32 23.33 28.49
C GLU B 72 25.55 22.01 28.46
N LYS B 73 25.17 21.52 27.27
CA LYS B 73 24.43 20.27 27.13
C LYS B 73 23.13 20.32 27.92
N VAL B 74 22.37 21.39 27.74
CA VAL B 74 21.11 21.59 28.46
C VAL B 74 20.09 22.21 27.51
N LEU B 75 18.86 21.71 27.57
CA LEU B 75 17.74 22.23 26.80
C LEU B 75 16.68 22.69 27.79
N GLU B 76 16.62 23.99 28.04
CA GLU B 76 15.69 24.55 29.02
C GLU B 76 14.30 24.72 28.41
N ILE B 77 13.28 24.41 29.21
CA ILE B 77 11.88 24.50 28.80
C ILE B 77 11.21 25.45 29.79
N ARG B 78 11.02 26.70 29.39
CA ARG B 78 10.45 27.72 30.26
C ARG B 78 9.09 28.16 29.71
N ASP B 79 8.10 28.25 30.60
CA ASP B 79 6.78 28.75 30.26
C ASP B 79 6.35 29.75 31.34
N SER B 80 5.19 30.37 31.12
CA SER B 80 4.64 31.36 32.04
C SER B 80 3.27 30.92 32.54
N GLY B 81 3.11 29.63 32.82
CA GLY B 81 1.85 29.10 33.26
C GLY B 81 1.51 29.42 34.71
N ILE B 82 0.62 28.64 35.31
CA ILE B 82 0.23 28.88 36.69
C ILE B 82 1.36 28.52 37.65
N GLY B 83 2.18 27.53 37.29
CA GLY B 83 3.26 27.09 38.15
C GLY B 83 2.80 26.05 39.16
N MET B 84 3.78 25.55 39.91
CA MET B 84 3.55 24.54 40.94
C MET B 84 4.07 25.04 42.28
N THR B 85 3.26 24.86 43.32
CA THR B 85 3.65 25.26 44.67
C THR B 85 4.53 24.17 45.28
N LYS B 86 4.82 24.30 46.58
CA LYS B 86 5.64 23.30 47.25
C LYS B 86 4.92 21.97 47.35
N ALA B 87 3.59 21.99 47.53
CA ALA B 87 2.83 20.75 47.61
C ALA B 87 2.64 20.10 46.25
N GLU B 88 2.52 20.89 45.18
CA GLU B 88 2.35 20.31 43.86
C GLU B 88 3.62 19.66 43.35
N LEU B 89 4.79 20.14 43.79
CA LEU B 89 6.05 19.51 43.40
C LEU B 89 6.24 18.13 44.02
N ILE B 90 5.43 17.78 45.01
CA ILE B 90 5.53 16.49 45.69
C ILE B 90 4.35 15.59 45.34
N ASN B 91 3.13 16.12 45.42
CA ASN B 91 1.94 15.32 45.16
C ASN B 91 1.62 15.25 43.68
N ASN B 92 1.70 16.39 42.97
CA ASN B 92 1.33 16.41 41.55
C ASN B 92 2.46 15.91 40.68
N LEU B 93 3.66 16.47 40.85
CA LEU B 93 4.79 16.13 39.98
C LEU B 93 5.59 14.94 40.49
N GLY B 94 5.60 14.69 41.80
CA GLY B 94 6.38 13.61 42.37
C GLY B 94 5.70 12.27 42.45
N THR B 95 4.40 12.20 42.12
CA THR B 95 3.64 10.96 42.20
C THR B 95 3.28 10.51 40.79
N ILE B 96 3.63 9.25 40.48
CA ILE B 96 3.30 8.68 39.17
C ILE B 96 1.79 8.49 39.06
N ALA B 97 1.27 8.63 37.84
CA ALA B 97 -0.14 8.48 37.51
C ALA B 97 -1.04 9.49 38.21
N LYS B 98 -0.47 10.54 38.79
CA LYS B 98 -1.23 11.61 39.44
C LYS B 98 -1.27 12.80 38.48
N SER B 99 -2.45 13.07 37.94
CA SER B 99 -2.64 14.14 36.97
C SER B 99 -3.47 15.24 37.63
N GLY B 100 -2.79 16.28 38.11
CA GLY B 100 -3.49 17.43 38.67
C GLY B 100 -4.27 18.22 37.63
N THR B 101 -3.88 18.12 36.36
CA THR B 101 -4.67 18.75 35.31
C THR B 101 -6.06 18.13 35.22
N LYS B 102 -6.16 16.83 35.45
CA LYS B 102 -7.47 16.19 35.52
C LYS B 102 -8.27 16.70 36.71
N ALA B 103 -7.63 16.85 37.86
CA ALA B 103 -8.32 17.36 39.05
C ALA B 103 -8.79 18.79 38.83
N PHE B 104 -8.00 19.60 38.12
CA PHE B 104 -8.41 20.96 37.81
C PHE B 104 -9.58 20.97 36.84
N MET B 105 -9.62 20.00 35.92
CA MET B 105 -10.71 19.97 34.93
C MET B 105 -12.02 19.51 35.56
N GLU B 106 -11.97 18.65 36.57
CA GLU B 106 -13.18 18.19 37.23
C GLU B 106 -13.62 19.08 38.38
N ALA B 107 -12.77 19.99 38.84
CA ALA B 107 -13.12 20.88 39.93
C ALA B 107 -13.73 22.19 39.45
N LEU B 108 -13.50 22.57 38.19
CA LEU B 108 -14.09 23.79 37.67
C LEU B 108 -15.59 23.63 37.45
N SER B 109 -16.27 24.76 37.31
CA SER B 109 -17.72 24.74 37.12
C SER B 109 -18.07 24.21 35.74
N ALA B 110 -19.20 23.50 35.68
CA ALA B 110 -19.64 22.91 34.42
C ALA B 110 -19.99 24.00 33.41
N GLY B 111 -19.44 23.86 32.21
CA GLY B 111 -19.66 24.81 31.14
C GLY B 111 -18.48 25.68 30.78
N ALA B 112 -17.28 25.37 31.27
CA ALA B 112 -16.11 26.15 30.95
C ALA B 112 -15.66 25.89 29.52
N ASP B 113 -15.03 26.89 28.92
CA ASP B 113 -14.54 26.79 27.55
C ASP B 113 -13.16 26.14 27.47
N VAL B 114 -12.47 25.98 28.59
CA VAL B 114 -11.12 25.42 28.57
C VAL B 114 -11.20 23.93 28.26
N SER B 115 -10.22 23.44 27.51
CA SER B 115 -10.10 22.02 27.16
C SER B 115 -8.62 21.65 27.28
N MET B 116 -8.23 21.18 28.45
CA MET B 116 -6.83 20.89 28.72
C MET B 116 -6.44 19.52 28.17
N ILE B 117 -5.14 19.27 28.17
CA ILE B 117 -4.56 18.13 27.48
C ILE B 117 -4.24 16.99 28.45
N GLY B 118 -3.59 17.31 29.56
CA GLY B 118 -3.10 16.29 30.47
C GLY B 118 -4.23 15.58 31.19
N GLN B 119 -4.33 14.26 31.04
CA GLN B 119 -5.33 13.48 31.76
C GLN B 119 -4.82 12.14 32.26
N PHE B 120 -3.54 11.81 32.05
CA PHE B 120 -2.99 10.52 32.48
C PHE B 120 -2.17 10.66 33.76
N GLY B 121 -1.15 11.51 33.75
CA GLY B 121 -0.33 11.75 34.92
C GLY B 121 1.08 11.20 34.85
N VAL B 122 1.49 10.60 33.72
CA VAL B 122 2.82 10.03 33.56
C VAL B 122 3.56 10.63 32.39
N GLY B 123 3.01 11.66 31.75
CA GLY B 123 3.67 12.25 30.60
C GLY B 123 4.93 13.02 30.94
N PHE B 124 4.99 13.57 32.16
CA PHE B 124 6.17 14.34 32.56
C PHE B 124 7.41 13.47 32.62
N TYR B 125 7.26 12.19 32.94
CA TYR B 125 8.39 11.28 33.05
C TYR B 125 8.95 10.85 31.69
N SER B 126 8.38 11.36 30.58
CA SER B 126 8.91 11.04 29.26
C SER B 126 10.18 11.81 28.92
N LEU B 127 10.51 12.85 29.70
CA LEU B 127 11.72 13.63 29.44
C LEU B 127 12.99 12.84 29.73
N PHE B 128 12.91 11.80 30.54
CA PHE B 128 14.10 11.02 30.90
C PHE B 128 14.58 10.10 29.78
N LEU B 129 13.84 10.02 28.67
CA LEU B 129 14.30 9.20 27.56
C LEU B 129 15.51 9.80 26.87
N VAL B 130 15.66 11.12 26.93
CA VAL B 130 16.80 11.80 26.31
C VAL B 130 17.64 12.56 27.33
N ALA B 131 17.20 12.68 28.57
CA ALA B 131 17.94 13.39 29.61
C ALA B 131 18.16 12.47 30.80
N ASP B 132 19.34 12.55 31.40
CA ASP B 132 19.66 11.73 32.56
C ASP B 132 19.20 12.41 33.85
N ARG B 133 19.51 13.69 34.01
CA ARG B 133 19.16 14.45 35.21
C ARG B 133 18.35 15.68 34.82
N VAL B 134 17.30 15.97 35.59
CA VAL B 134 16.43 17.09 35.31
C VAL B 134 16.48 18.06 36.50
N GLN B 135 16.28 19.35 36.21
CA GLN B 135 16.37 20.41 37.21
C GLN B 135 15.18 21.35 37.08
N VAL B 136 13.97 20.79 37.04
CA VAL B 136 12.77 21.59 36.89
C VAL B 136 12.68 22.63 38.00
N ILE B 137 12.47 23.89 37.60
CA ILE B 137 12.33 25.01 38.53
C ILE B 137 10.91 25.56 38.38
N SER B 138 10.21 25.68 39.51
CA SER B 138 8.83 26.16 39.51
C SER B 138 8.73 27.44 40.33
N LYS B 139 7.67 28.20 40.06
CA LYS B 139 7.42 29.45 40.77
C LYS B 139 5.94 29.78 40.66
N ASN B 140 5.25 29.88 41.79
CA ASN B 140 3.83 30.18 41.82
C ASN B 140 3.60 31.55 42.45
N ASN B 141 2.40 32.09 42.23
CA ASN B 141 2.07 33.40 42.77
C ASN B 141 1.83 33.35 44.27
N GLU B 142 1.39 32.20 44.78
CA GLU B 142 1.10 32.04 46.20
C GLU B 142 2.17 31.21 46.92
N ASP B 143 3.38 31.21 46.39
CA ASP B 143 4.48 30.46 46.99
C ASP B 143 5.80 31.06 46.49
N GLU B 144 6.90 30.53 47.01
CA GLU B 144 8.23 30.97 46.61
C GLU B 144 8.71 30.16 45.41
N GLN B 145 9.97 30.35 45.03
CA GLN B 145 10.57 29.65 43.90
C GLN B 145 11.36 28.45 44.42
N TYR B 146 11.04 27.27 43.90
CA TYR B 146 11.67 26.03 44.30
C TYR B 146 12.31 25.34 43.09
N ILE B 147 13.12 24.33 43.36
CA ILE B 147 13.80 23.55 42.33
C ILE B 147 13.43 22.09 42.51
N TRP B 148 12.91 21.48 41.45
CA TRP B 148 12.53 20.07 41.44
C TRP B 148 13.62 19.31 40.67
N GLU B 149 14.54 18.70 41.39
CA GLU B 149 15.68 18.00 40.81
C GLU B 149 15.45 16.50 40.85
N SER B 150 15.82 15.82 39.76
CA SER B 150 15.64 14.38 39.66
C SER B 150 16.63 13.82 38.65
N ASN B 151 16.95 12.54 38.81
CA ASN B 151 17.82 11.83 37.88
C ASN B 151 17.21 10.49 37.47
N ALA B 152 15.88 10.43 37.37
CA ALA B 152 15.14 9.22 37.02
C ALA B 152 15.43 8.06 37.96
N GLY B 153 15.84 8.36 39.19
CA GLY B 153 16.14 7.33 40.18
C GLY B 153 14.93 6.88 40.95
N GLY B 154 15.16 6.53 42.21
CA GLY B 154 14.08 6.07 43.07
C GLY B 154 13.48 7.17 43.91
N SER B 155 14.23 8.25 44.11
CA SER B 155 13.79 9.38 44.92
C SER B 155 14.12 10.68 44.20
N PHE B 156 13.54 11.77 44.71
CA PHE B 156 13.77 13.09 44.14
C PHE B 156 14.06 14.08 45.26
N THR B 157 14.64 15.22 44.88
CA THR B 157 15.02 16.26 45.82
C THR B 157 14.38 17.58 45.43
N VAL B 158 13.81 18.27 46.41
CA VAL B 158 13.19 19.58 46.22
C VAL B 158 13.83 20.55 47.19
N THR B 159 14.49 21.58 46.64
CA THR B 159 15.18 22.58 47.45
C THR B 159 14.71 23.97 47.05
N LEU B 160 14.92 24.92 47.97
CA LEU B 160 14.55 26.30 47.71
C LEU B 160 15.53 26.93 46.73
N ASP B 161 14.98 27.61 45.72
CA ASP B 161 15.82 28.25 44.70
C ASP B 161 16.47 29.50 45.28
N GLU B 162 17.81 29.47 45.39
CA GLU B 162 18.55 30.63 45.87
C GLU B 162 19.78 30.94 45.03
N VAL B 163 20.02 30.21 43.94
CA VAL B 163 21.16 30.47 43.09
C VAL B 163 20.77 30.89 41.67
N ASN B 164 19.56 30.56 41.21
CA ASN B 164 19.13 30.90 39.88
C ASN B 164 18.46 32.29 39.87
N GLU B 165 18.04 32.73 38.70
CA GLU B 165 17.39 34.02 38.57
C GLU B 165 15.98 33.98 39.13
N ARG B 166 15.48 35.15 39.55
CA ARG B 166 14.14 35.26 40.11
C ARG B 166 13.15 35.43 38.97
N ILE B 167 12.44 34.35 38.64
CA ILE B 167 11.45 34.37 37.58
C ILE B 167 10.14 34.92 38.12
N GLY B 168 9.33 35.50 37.22
CA GLY B 168 8.05 36.06 37.61
C GLY B 168 7.01 35.00 37.93
N ARG B 169 6.64 34.22 36.91
CA ARG B 169 5.65 33.16 37.08
C ARG B 169 5.82 32.15 35.96
N GLY B 170 5.71 30.88 36.31
CA GLY B 170 5.84 29.79 35.36
C GLY B 170 6.79 28.73 35.88
N THR B 171 7.19 27.83 34.99
CA THR B 171 8.10 26.75 35.32
C THR B 171 9.26 26.73 34.33
N VAL B 172 10.46 26.49 34.84
CA VAL B 172 11.66 26.38 34.04
C VAL B 172 12.15 24.94 34.14
N LEU B 173 12.01 24.19 33.06
CA LEU B 173 12.38 22.77 33.02
C LEU B 173 13.78 22.67 32.42
N ARG B 174 14.78 22.46 33.27
CA ARG B 174 16.17 22.33 32.84
C ARG B 174 16.45 20.86 32.57
N LEU B 175 16.79 20.54 31.31
CA LEU B 175 16.97 19.17 30.86
C LEU B 175 18.45 18.96 30.53
N PHE B 176 19.13 18.13 31.33
CA PHE B 176 20.51 17.76 31.06
C PHE B 176 20.50 16.55 30.13
N LEU B 177 20.70 16.79 28.85
CA LEU B 177 20.62 15.73 27.85
C LEU B 177 21.76 14.73 28.01
N LYS B 178 21.53 13.52 27.52
CA LYS B 178 22.53 12.46 27.59
C LYS B 178 23.63 12.69 26.56
N ASP B 179 24.66 11.86 26.64
CA ASP B 179 25.78 11.97 25.71
C ASP B 179 25.44 11.46 24.31
N ASP B 180 24.36 10.68 24.17
CA ASP B 180 23.94 10.15 22.88
C ASP B 180 22.65 10.78 22.38
N GLN B 181 22.15 11.82 23.06
CA GLN B 181 20.92 12.50 22.67
C GLN B 181 21.17 14.00 22.48
N LEU B 182 22.36 14.36 22.02
CA LEU B 182 22.69 15.76 21.79
C LEU B 182 22.00 16.33 20.55
N GLU B 183 21.40 15.47 19.72
CA GLU B 183 20.75 15.95 18.50
C GLU B 183 19.61 16.92 18.81
N TYR B 184 19.00 16.81 19.98
CA TYR B 184 17.89 17.68 20.35
C TYR B 184 18.33 19.08 20.76
N LEU B 185 19.63 19.39 20.66
CA LEU B 185 20.13 20.73 20.92
C LEU B 185 20.23 21.57 19.65
N GLU B 186 20.01 20.98 18.49
CA GLU B 186 20.08 21.70 17.22
C GLU B 186 18.78 22.42 16.95
N GLU B 187 18.86 23.49 16.16
CA GLU B 187 17.68 24.27 15.81
C GLU B 187 16.77 23.52 14.85
N LYS B 188 17.35 22.83 13.88
CA LYS B 188 16.54 22.14 12.88
C LYS B 188 15.78 20.97 13.49
N ARG B 189 16.42 20.24 14.41
CA ARG B 189 15.74 19.12 15.05
C ARG B 189 14.57 19.59 15.91
N ILE B 190 14.77 20.69 16.65
CA ILE B 190 13.69 21.23 17.47
C ILE B 190 12.54 21.73 16.60
N LYS B 191 12.87 22.42 15.50
CA LYS B 191 11.84 22.92 14.60
C LYS B 191 11.06 21.79 13.95
N GLU B 192 11.75 20.68 13.65
CA GLU B 192 11.06 19.54 13.05
C GLU B 192 10.12 18.87 14.05
N VAL B 193 10.56 18.73 15.30
CA VAL B 193 9.70 18.14 16.33
C VAL B 193 8.47 19.01 16.56
N ILE B 194 8.66 20.34 16.55
CA ILE B 194 7.54 21.25 16.77
C ILE B 194 6.56 21.17 15.59
N LYS B 195 7.07 21.24 14.37
CA LYS B 195 6.21 21.18 13.20
C LYS B 195 5.51 19.83 13.05
N ARG B 196 6.02 18.79 13.69
CA ARG B 196 5.44 17.46 13.58
C ARG B 196 4.41 17.18 14.66
N HIS B 197 4.65 17.66 15.89
CA HIS B 197 3.81 17.31 17.02
C HIS B 197 3.20 18.50 17.75
N SER B 198 3.84 19.67 17.72
CA SER B 198 3.42 20.82 18.51
C SER B 198 3.24 22.04 17.62
N GLU B 199 2.53 21.87 16.50
CA GLU B 199 2.38 22.92 15.51
C GLU B 199 1.21 23.85 15.81
N PHE B 200 0.09 23.33 16.28
CA PHE B 200 -1.14 24.10 16.43
C PHE B 200 -1.49 24.36 17.90
N VAL B 201 -0.48 24.66 18.71
CA VAL B 201 -0.73 25.06 20.09
C VAL B 201 -1.26 26.48 20.12
N ALA B 202 -2.25 26.74 20.97
CA ALA B 202 -2.89 28.04 21.04
C ALA B 202 -1.96 29.13 21.57
N TYR B 203 -0.84 28.77 22.19
CA TYR B 203 0.09 29.74 22.73
C TYR B 203 1.37 29.80 21.90
N PRO B 204 2.00 30.97 21.80
CA PRO B 204 3.20 31.08 20.97
C PRO B 204 4.38 30.31 21.56
N ILE B 205 5.09 29.61 20.68
CA ILE B 205 6.26 28.82 21.06
C ILE B 205 7.48 29.61 20.60
N GLN B 206 8.17 30.25 21.55
CA GLN B 206 9.34 31.06 21.25
C GLN B 206 10.60 30.20 21.37
N LEU B 207 11.44 30.25 20.34
CA LEU B 207 12.68 29.49 20.29
C LEU B 207 13.86 30.44 20.15
N LEU B 208 14.85 30.26 21.02
CA LEU B 208 16.04 31.10 21.02
C LEU B 208 17.06 30.54 20.04
N VAL B 209 17.24 31.21 18.91
CA VAL B 209 18.20 30.79 17.89
C VAL B 209 19.35 31.79 17.86
N THR B 210 20.47 31.33 17.30
CA THR B 210 21.66 32.16 17.19
C THR B 210 21.69 32.89 15.85
N VAL B 260 24.28 37.43 17.96
CA VAL B 260 23.07 37.99 18.54
C VAL B 260 22.01 36.91 18.68
N GLN B 261 21.36 36.87 19.83
CA GLN B 261 20.31 35.89 20.12
C GLN B 261 18.94 36.51 19.89
N GLU B 262 18.06 35.76 19.23
CA GLU B 262 16.73 36.23 18.91
C GLU B 262 15.73 35.11 19.19
N LEU B 263 14.46 35.51 19.32
CA LEU B 263 13.37 34.58 19.58
C LEU B 263 12.47 34.49 18.35
N GLU B 264 12.29 33.28 17.85
CA GLU B 264 11.48 33.02 16.67
C GLU B 264 10.30 32.13 17.05
N GLU B 265 9.10 32.54 16.63
CA GLU B 265 7.90 31.75 16.92
C GLU B 265 7.76 30.62 15.90
N LEU B 266 7.51 29.42 16.40
CA LEU B 266 7.41 28.23 15.56
C LEU B 266 5.97 27.80 15.31
N ASN B 267 5.00 28.55 15.79
CA ASN B 267 3.58 28.21 15.62
C ASN B 267 2.81 29.44 15.15
N LYS B 268 3.33 30.10 14.11
CA LYS B 268 2.68 31.28 13.57
C LYS B 268 1.28 30.94 13.05
N THR B 269 1.11 29.77 12.44
CA THR B 269 -0.18 29.36 11.91
C THR B 269 -1.08 28.91 13.06
N LYS B 270 -2.23 29.58 13.21
CA LYS B 270 -3.19 29.26 14.27
C LYS B 270 -4.20 28.24 13.76
N PRO B 271 -4.72 27.39 14.65
CA PRO B 271 -5.72 26.41 14.22
C PRO B 271 -7.03 27.08 13.82
N LEU B 272 -7.59 26.62 12.71
CA LEU B 272 -8.83 27.18 12.18
C LEU B 272 -10.06 26.39 12.58
N TRP B 273 -9.91 25.20 13.16
CA TRP B 273 -11.07 24.41 13.57
C TRP B 273 -11.72 24.93 14.85
N THR B 274 -11.08 25.87 15.54
CA THR B 274 -11.66 26.47 16.74
C THR B 274 -12.57 27.65 16.41
N ARG B 275 -12.72 28.01 15.14
CA ARG B 275 -13.56 29.10 14.71
C ARG B 275 -14.63 28.59 13.75
N ASN B 276 -15.73 29.33 13.69
CA ASN B 276 -16.80 28.97 12.78
C ASN B 276 -16.39 29.28 11.33
N PRO B 277 -16.86 28.50 10.36
CA PRO B 277 -16.47 28.73 8.96
C PRO B 277 -17.01 30.03 8.38
N SER B 278 -17.74 30.84 9.16
CA SER B 278 -18.31 32.07 8.63
C SER B 278 -17.33 33.24 8.63
N ASP B 279 -16.32 33.22 9.50
CA ASP B 279 -15.39 34.34 9.62
C ASP B 279 -13.96 33.93 9.30
N ILE B 280 -13.78 32.98 8.38
CA ILE B 280 -12.46 32.59 7.89
C ILE B 280 -12.41 32.90 6.40
N THR B 281 -11.41 33.68 5.98
CA THR B 281 -11.25 34.03 4.59
C THR B 281 -10.56 32.89 3.84
N GLN B 282 -10.43 33.07 2.53
CA GLN B 282 -9.78 32.05 1.69
C GLN B 282 -8.27 32.03 1.88
N GLU B 283 -7.66 33.18 2.15
CA GLU B 283 -6.21 33.22 2.35
C GLU B 283 -5.81 32.46 3.60
N GLU B 284 -6.62 32.54 4.65
CA GLU B 284 -6.34 31.77 5.87
C GLU B 284 -6.43 30.28 5.61
N TYR B 285 -7.39 29.85 4.77
CA TYR B 285 -7.48 28.45 4.40
C TYR B 285 -6.27 28.02 3.58
N ASN B 286 -5.80 28.89 2.68
CA ASN B 286 -4.61 28.56 1.89
C ASN B 286 -3.38 28.44 2.77
N ALA B 287 -3.23 29.36 3.74
CA ALA B 287 -2.11 29.29 4.67
C ALA B 287 -2.20 28.03 5.54
N PHE B 288 -3.40 27.67 5.96
CA PHE B 288 -3.59 26.46 6.75
C PHE B 288 -3.20 25.22 5.95
N TYR B 289 -3.61 25.16 4.68
CA TYR B 289 -3.29 24.00 3.85
C TYR B 289 -1.79 23.93 3.58
N LYS B 290 -1.15 25.07 3.32
CA LYS B 290 0.29 25.08 3.10
C LYS B 290 1.08 24.78 4.37
N SER B 291 0.44 24.87 5.54
CA SER B 291 1.10 24.57 6.80
C SER B 291 0.99 23.09 7.17
N ILE B 292 -0.17 22.48 6.95
CA ILE B 292 -0.35 21.08 7.32
C ILE B 292 0.37 20.16 6.32
N SER B 293 0.56 20.60 5.09
CA SER B 293 1.17 19.79 4.05
C SER B 293 2.31 20.55 3.39
N ASN B 294 3.21 19.81 2.76
CA ASN B 294 4.35 20.38 2.06
C ASN B 294 4.00 20.85 0.66
N ASP B 295 2.72 20.97 0.33
CA ASP B 295 2.32 21.40 -1.01
C ASP B 295 2.62 22.88 -1.20
N TRP B 296 2.91 23.26 -2.45
CA TRP B 296 3.21 24.64 -2.80
C TRP B 296 2.02 25.39 -3.35
N GLU B 297 0.97 24.70 -3.79
CA GLU B 297 -0.19 25.31 -4.39
C GLU B 297 -1.33 25.44 -3.38
N ASP B 298 -2.20 26.41 -3.63
CA ASP B 298 -3.34 26.62 -2.76
C ASP B 298 -4.39 25.53 -2.96
N PRO B 299 -5.19 25.24 -1.93
CA PRO B 299 -6.23 24.22 -2.09
C PRO B 299 -7.33 24.68 -3.02
N LEU B 300 -7.85 23.75 -3.83
CA LEU B 300 -8.91 24.07 -4.77
C LEU B 300 -10.22 24.34 -4.06
N TYR B 301 -10.55 23.54 -3.05
CA TYR B 301 -11.80 23.69 -2.33
C TYR B 301 -11.59 23.31 -0.87
N VAL B 302 -12.33 23.95 0.02
CA VAL B 302 -12.25 23.72 1.46
C VAL B 302 -13.63 23.34 1.97
N LYS B 303 -13.67 22.33 2.84
CA LYS B 303 -14.91 21.86 3.46
C LYS B 303 -14.70 21.86 4.96
N HIS B 304 -15.34 22.79 5.66
CA HIS B 304 -15.26 22.91 7.11
C HIS B 304 -16.62 22.60 7.70
N PHE B 305 -16.73 21.46 8.38
CA PHE B 305 -17.97 21.02 8.99
C PHE B 305 -17.73 20.67 10.45
N SER B 306 -18.82 20.54 11.19
CA SER B 306 -18.76 20.21 12.61
C SER B 306 -19.97 19.36 12.96
N VAL B 307 -19.73 18.16 13.50
CA VAL B 307 -20.78 17.24 13.89
C VAL B 307 -21.02 17.36 15.39
N GLU B 308 -22.28 17.46 15.78
CA GLU B 308 -22.68 17.61 17.17
C GLU B 308 -23.63 16.47 17.54
N GLY B 309 -23.79 16.26 18.85
CA GLY B 309 -24.63 15.19 19.35
C GLY B 309 -23.88 14.20 20.20
N GLN B 310 -24.03 12.91 19.90
CA GLN B 310 -23.34 11.88 20.68
C GLN B 310 -21.84 11.90 20.42
N LEU B 311 -21.43 12.23 19.19
CA LEU B 311 -20.02 12.36 18.84
C LEU B 311 -19.79 13.79 18.38
N GLU B 312 -18.81 14.47 19.00
CA GLU B 312 -18.45 15.82 18.64
C GLU B 312 -17.04 15.82 18.05
N PHE B 313 -16.91 16.32 16.82
CA PHE B 313 -15.62 16.41 16.16
C PHE B 313 -15.74 17.37 14.99
N ARG B 314 -14.65 18.10 14.73
CA ARG B 314 -14.59 19.06 13.64
C ARG B 314 -13.45 18.69 12.71
N ALA B 315 -13.65 18.92 11.41
CA ALA B 315 -12.66 18.58 10.41
C ALA B 315 -12.68 19.62 9.29
N ILE B 316 -11.50 20.02 8.84
CA ILE B 316 -11.34 20.97 7.74
C ILE B 316 -10.64 20.21 6.62
N LEU B 317 -11.42 19.66 5.69
CA LEU B 317 -10.88 18.87 4.60
C LEU B 317 -10.63 19.77 3.39
N PHE B 318 -9.43 19.67 2.82
CA PHE B 318 -9.04 20.46 1.67
C PHE B 318 -8.92 19.56 0.43
N ILE B 319 -9.17 20.16 -0.73
CA ILE B 319 -9.04 19.48 -2.02
C ILE B 319 -7.87 20.11 -2.77
N PRO B 320 -6.80 19.36 -3.04
CA PRO B 320 -5.65 19.96 -3.74
C PRO B 320 -5.95 20.29 -5.19
N LYS B 321 -4.94 20.77 -5.92
CA LYS B 321 -5.09 21.12 -7.32
C LYS B 321 -4.45 20.09 -8.25
N ARG B 322 -3.79 19.07 -7.71
CA ARG B 322 -3.16 18.05 -8.53
C ARG B 322 -3.14 16.73 -7.77
N ALA B 323 -2.89 15.65 -8.50
CA ALA B 323 -2.82 14.31 -7.94
C ALA B 323 -1.41 13.76 -8.05
N PRO B 324 -0.97 12.94 -7.09
CA PRO B 324 0.39 12.38 -7.16
C PRO B 324 0.58 11.38 -8.29
N PHE B 325 -0.50 10.82 -8.83
CA PHE B 325 -0.39 9.86 -9.94
C PHE B 325 -0.93 10.46 -11.23
N ASN B 335 -0.86 8.70 6.54
CA ASN B 335 -1.58 9.03 5.32
C ASN B 335 -1.64 10.53 5.09
N ASN B 336 -2.78 11.01 4.60
CA ASN B 336 -2.96 12.43 4.29
C ASN B 336 -3.79 13.18 5.33
N ILE B 337 -4.70 12.51 6.01
CA ILE B 337 -5.58 13.16 6.98
C ILE B 337 -4.94 13.04 8.36
N LYS B 338 -4.70 14.18 9.00
CA LYS B 338 -4.11 14.21 10.32
C LYS B 338 -5.20 14.21 11.39
N LEU B 339 -4.86 13.66 12.55
CA LEU B 339 -5.77 13.59 13.69
C LEU B 339 -5.24 14.46 14.82
N TYR B 340 -6.11 15.29 15.38
CA TYR B 340 -5.74 16.22 16.45
C TYR B 340 -6.72 16.08 17.60
N VAL B 341 -6.21 15.79 18.78
CA VAL B 341 -7.00 15.72 20.00
C VAL B 341 -6.39 16.66 21.03
N ARG B 342 -7.22 17.54 21.60
CA ARG B 342 -6.77 18.54 22.56
C ARG B 342 -5.68 19.44 21.96
N ARG B 343 -5.88 19.81 20.70
CA ARG B 343 -4.96 20.69 19.97
C ARG B 343 -3.56 20.10 19.86
N VAL B 344 -3.46 18.77 19.88
CA VAL B 344 -2.17 18.07 19.78
C VAL B 344 -2.29 16.99 18.71
N PHE B 345 -1.32 16.95 17.80
CA PHE B 345 -1.28 15.89 16.81
C PHE B 345 -1.00 14.55 17.49
N ILE B 346 -1.82 13.55 17.17
CA ILE B 346 -1.68 12.22 17.77
C ILE B 346 -1.08 11.26 16.76
N THR B 347 -1.72 11.12 15.60
CA THR B 347 -1.28 10.16 14.60
C THR B 347 -1.82 10.55 13.24
N ASP B 348 -1.20 9.99 12.20
CA ASP B 348 -1.69 10.16 10.83
C ASP B 348 -1.57 8.87 10.03
N GLU B 349 -1.48 7.71 10.70
CA GLU B 349 -1.30 6.42 10.03
C GLU B 349 -2.54 5.54 10.14
N ALA B 350 -3.69 6.11 10.48
CA ALA B 350 -4.93 5.36 10.60
C ALA B 350 -5.61 5.34 9.24
N GLU B 351 -5.43 4.26 8.50
CA GLU B 351 -6.01 4.13 7.17
C GLU B 351 -7.50 3.80 7.19
N ASP B 352 -8.05 3.43 8.34
CA ASP B 352 -9.45 3.03 8.43
C ASP B 352 -10.41 4.21 8.51
N LEU B 353 -9.92 5.43 8.76
CA LEU B 353 -10.81 6.59 8.85
C LEU B 353 -11.17 7.16 7.49
N ILE B 354 -10.35 6.93 6.47
CA ILE B 354 -10.60 7.47 5.13
C ILE B 354 -10.39 6.37 4.10
N PRO B 355 -11.29 6.21 3.13
CA PRO B 355 -11.10 5.17 2.12
C PRO B 355 -9.85 5.40 1.28
N GLU B 356 -9.42 4.32 0.62
CA GLU B 356 -8.21 4.41 -0.21
C GLU B 356 -8.46 5.26 -1.44
N TRP B 357 -9.62 5.11 -2.07
CA TRP B 357 -9.95 5.91 -3.25
C TRP B 357 -10.18 7.38 -2.90
N LEU B 358 -10.49 7.68 -1.64
CA LEU B 358 -10.76 9.04 -1.20
C LEU B 358 -9.57 9.67 -0.50
N SER B 359 -8.42 8.99 -0.46
CA SER B 359 -7.26 9.48 0.27
C SER B 359 -6.48 10.54 -0.49
N PHE B 360 -7.05 11.13 -1.55
CA PHE B 360 -6.37 12.18 -2.28
C PHE B 360 -6.54 13.55 -1.63
N VAL B 361 -7.50 13.70 -0.71
CA VAL B 361 -7.74 14.97 -0.05
C VAL B 361 -6.81 15.11 1.13
N LYS B 362 -6.64 16.35 1.60
CA LYS B 362 -5.80 16.66 2.74
C LYS B 362 -6.60 17.48 3.74
N GLY B 363 -6.13 17.48 4.98
CA GLY B 363 -6.79 18.20 6.04
C GLY B 363 -6.59 17.53 7.37
N VAL B 364 -7.17 18.13 8.41
CA VAL B 364 -7.05 17.65 9.77
C VAL B 364 -8.43 17.47 10.38
N VAL B 365 -8.51 16.63 11.40
CA VAL B 365 -9.75 16.37 12.13
C VAL B 365 -9.47 16.60 13.61
N ASP B 366 -10.33 17.40 14.25
CA ASP B 366 -10.20 17.68 15.68
C ASP B 366 -11.28 16.93 16.44
N SER B 367 -10.88 16.28 17.52
CA SER B 367 -11.81 15.52 18.36
C SER B 367 -11.36 15.64 19.81
N GLU B 368 -12.28 15.31 20.73
CA GLU B 368 -12.02 15.37 22.15
C GLU B 368 -12.45 14.15 22.93
N ASP B 369 -13.23 13.24 22.33
CA ASP B 369 -13.71 12.05 23.02
C ASP B 369 -13.07 10.77 22.49
N LEU B 370 -11.92 10.88 21.83
CA LEU B 370 -11.26 9.68 21.32
C LEU B 370 -10.47 8.99 22.43
N PRO B 371 -10.55 7.67 22.53
CA PRO B 371 -9.79 6.92 23.55
C PRO B 371 -8.30 6.78 23.20
N LEU B 372 -7.54 7.82 23.53
CA LEU B 372 -6.11 7.80 23.27
C LEU B 372 -5.41 6.78 24.15
N ASN B 373 -4.34 6.19 23.62
CA ASN B 373 -3.56 5.21 24.37
C ASN B 373 -2.61 5.92 25.34
N LEU B 374 -1.85 5.12 26.08
CA LEU B 374 -0.91 5.68 27.04
C LEU B 374 0.20 6.47 26.34
N SER B 375 0.68 5.95 25.21
CA SER B 375 1.77 6.60 24.50
C SER B 375 1.35 7.84 23.71
N ARG B 376 0.04 8.04 23.53
CA ARG B 376 -0.52 9.19 22.81
C ARG B 376 -0.03 9.26 21.36
N GLU B 377 0.42 8.13 20.80
CA GLU B 377 0.87 8.09 19.42
C GLU B 377 -0.17 7.51 18.47
N MET B 378 -1.27 6.96 18.99
CA MET B 378 -2.35 6.42 18.17
C MET B 378 -3.58 6.25 19.07
N LEU B 379 -4.61 5.62 18.52
CA LEU B 379 -5.86 5.40 19.24
C LEU B 379 -6.23 3.93 19.19
N GLN B 380 -7.17 3.56 20.07
CA GLN B 380 -7.59 2.18 20.22
C GLN B 380 -8.60 1.78 19.13
N GLN B 381 -8.89 0.49 19.07
CA GLN B 381 -9.94 0.00 18.19
C GLN B 381 -11.30 0.29 18.81
N ASN B 382 -12.13 1.03 18.08
CA ASN B 382 -13.45 1.42 18.57
C ASN B 382 -14.41 1.51 17.40
N LYS B 383 -15.70 1.60 17.73
CA LYS B 383 -16.73 1.75 16.71
C LYS B 383 -16.89 3.19 16.23
N ILE B 384 -16.18 4.14 16.86
CA ILE B 384 -16.25 5.53 16.43
C ILE B 384 -15.52 5.74 15.10
N MET B 385 -14.53 4.89 14.81
CA MET B 385 -13.80 5.02 13.55
C MET B 385 -14.72 4.85 12.35
N LYS B 386 -15.67 3.92 12.43
CA LYS B 386 -16.62 3.76 11.34
C LYS B 386 -17.55 4.96 11.24
N VAL B 387 -17.92 5.55 12.37
CA VAL B 387 -18.83 6.71 12.35
C VAL B 387 -18.14 7.92 11.72
N ILE B 388 -16.90 8.20 12.14
CA ILE B 388 -16.19 9.36 11.59
C ILE B 388 -15.85 9.12 10.12
N ARG B 389 -15.62 7.87 9.73
CA ARG B 389 -15.38 7.56 8.31
C ARG B 389 -16.62 7.83 7.48
N LYS B 390 -17.79 7.41 7.98
CA LYS B 390 -19.03 7.66 7.26
C LYS B 390 -19.33 9.16 7.17
N ASN B 391 -19.07 9.89 8.25
CA ASN B 391 -19.30 11.32 8.25
C ASN B 391 -18.38 12.05 7.26
N ILE B 392 -17.11 11.63 7.22
CA ILE B 392 -16.17 12.26 6.30
C ILE B 392 -16.56 11.96 4.85
N VAL B 393 -16.99 10.72 4.58
CA VAL B 393 -17.41 10.36 3.23
C VAL B 393 -18.64 11.16 2.82
N LYS B 394 -19.61 11.28 3.73
CA LYS B 394 -20.82 12.03 3.40
C LYS B 394 -20.52 13.51 3.18
N LYS B 395 -19.65 14.08 4.02
CA LYS B 395 -19.31 15.50 3.87
C LYS B 395 -18.53 15.74 2.59
N LEU B 396 -17.65 14.81 2.21
CA LEU B 396 -16.89 14.97 0.96
C LEU B 396 -17.78 14.75 -0.25
N ILE B 397 -18.78 13.88 -0.15
CA ILE B 397 -19.75 13.73 -1.24
C ILE B 397 -20.54 15.02 -1.40
N GLU B 398 -20.95 15.63 -0.29
CA GLU B 398 -21.63 16.92 -0.35
C GLU B 398 -20.72 17.99 -0.91
N ALA B 399 -19.43 17.95 -0.57
CA ALA B 399 -18.49 18.92 -1.11
C ALA B 399 -18.33 18.74 -2.61
N PHE B 400 -18.29 17.49 -3.09
CA PHE B 400 -18.19 17.24 -4.52
C PHE B 400 -19.44 17.71 -5.25
N ASN B 401 -20.62 17.54 -4.63
CA ASN B 401 -21.85 18.03 -5.25
C ASN B 401 -21.87 19.55 -5.31
N GLU B 402 -21.32 20.22 -4.29
CA GLU B 402 -21.24 21.67 -4.32
C GLU B 402 -20.29 22.17 -5.40
N ILE B 403 -19.17 21.45 -5.60
CA ILE B 403 -18.25 21.80 -6.68
C ILE B 403 -18.90 21.58 -8.03
N ALA B 404 -19.76 20.55 -8.15
CA ALA B 404 -20.45 20.28 -9.40
C ALA B 404 -21.40 21.42 -9.79
N GLU B 405 -21.81 22.26 -8.85
CA GLU B 405 -22.67 23.38 -9.17
C GLU B 405 -21.95 24.42 -10.02
N ASP B 406 -20.62 24.46 -9.94
CA ASP B 406 -19.81 25.38 -10.74
C ASP B 406 -19.29 24.67 -11.99
N SER B 407 -18.96 25.47 -13.00
CA SER B 407 -18.46 24.96 -14.27
C SER B 407 -16.94 25.07 -14.40
N GLU B 408 -16.36 26.18 -13.95
CA GLU B 408 -14.92 26.35 -14.08
C GLU B 408 -14.15 25.57 -13.02
N GLN B 409 -14.62 25.59 -11.77
CA GLN B 409 -13.92 24.88 -10.71
C GLN B 409 -14.05 23.37 -10.86
N PHE B 410 -15.24 22.89 -11.23
CA PHE B 410 -15.44 21.46 -11.41
C PHE B 410 -14.62 20.92 -12.58
N ASP B 411 -14.34 21.77 -13.58
CA ASP B 411 -13.50 21.35 -14.69
C ASP B 411 -12.10 20.98 -14.21
N LYS B 412 -11.50 21.85 -13.40
CA LYS B 412 -10.19 21.55 -12.83
C LYS B 412 -10.28 20.37 -11.85
N PHE B 413 -11.36 20.29 -11.09
CA PHE B 413 -11.51 19.20 -10.13
C PHE B 413 -11.61 17.86 -10.83
N TYR B 414 -12.27 17.81 -11.99
CA TYR B 414 -12.39 16.55 -12.72
C TYR B 414 -11.12 16.21 -13.47
N SER B 415 -10.47 17.22 -14.08
CA SER B 415 -9.24 16.97 -14.82
C SER B 415 -8.07 16.61 -13.92
N ALA B 416 -8.19 16.83 -12.61
CA ALA B 416 -7.12 16.51 -11.68
C ALA B 416 -7.38 15.24 -10.88
N PHE B 417 -8.64 14.92 -10.59
CA PHE B 417 -9.00 13.78 -9.76
C PHE B 417 -10.11 12.96 -10.41
N ALA B 418 -9.94 12.68 -11.71
CA ALA B 418 -10.89 11.79 -12.38
C ALA B 418 -10.67 10.35 -11.95
N LYS B 419 -9.41 9.96 -11.73
CA LYS B 419 -9.12 8.59 -11.33
C LYS B 419 -9.71 8.29 -9.95
N ASN B 420 -9.64 9.25 -9.03
CA ASN B 420 -10.16 9.03 -7.69
C ASN B 420 -11.67 8.88 -7.70
N ILE B 421 -12.36 9.70 -8.50
CA ILE B 421 -13.82 9.59 -8.60
C ILE B 421 -14.21 8.28 -9.24
N LYS B 422 -13.51 7.89 -10.31
CA LYS B 422 -13.83 6.63 -10.99
C LYS B 422 -13.50 5.43 -10.12
N LEU B 423 -12.48 5.54 -9.27
CA LEU B 423 -12.22 4.50 -8.27
C LEU B 423 -13.32 4.47 -7.23
N GLY B 424 -13.86 5.64 -6.86
CA GLY B 424 -14.96 5.66 -5.92
C GLY B 424 -16.19 4.92 -6.43
N VAL B 425 -16.41 4.94 -7.74
CA VAL B 425 -17.51 4.18 -8.32
C VAL B 425 -17.16 2.70 -8.37
N HIS B 426 -15.88 2.36 -8.54
CA HIS B 426 -15.50 0.96 -8.77
C HIS B 426 -15.53 0.15 -7.48
N GLU B 427 -14.81 0.60 -6.45
CA GLU B 427 -14.74 -0.17 -5.21
C GLU B 427 -15.95 0.07 -4.33
N ASP B 428 -16.24 1.33 -4.00
CA ASP B 428 -17.32 1.64 -3.09
C ASP B 428 -18.67 1.27 -3.69
N THR B 429 -19.59 0.82 -2.82
CA THR B 429 -20.91 0.39 -3.23
C THR B 429 -22.04 1.25 -2.67
N GLN B 430 -21.85 1.83 -1.49
CA GLN B 430 -22.91 2.62 -0.88
C GLN B 430 -23.07 3.96 -1.59
N ASN B 431 -21.97 4.64 -1.87
CA ASN B 431 -21.98 5.94 -2.55
C ASN B 431 -21.71 5.81 -4.04
N ARG B 432 -22.03 4.65 -4.63
CA ARG B 432 -21.79 4.46 -6.06
C ARG B 432 -22.75 5.29 -6.90
N ALA B 433 -24.03 5.33 -6.51
CA ALA B 433 -25.01 6.11 -7.25
C ALA B 433 -24.76 7.61 -7.13
N ALA B 434 -24.28 8.06 -5.98
CA ALA B 434 -23.98 9.48 -5.80
C ALA B 434 -22.76 9.90 -6.60
N LEU B 435 -21.75 9.02 -6.67
CA LEU B 435 -20.55 9.31 -7.44
C LEU B 435 -20.74 9.13 -8.93
N ALA B 436 -21.79 8.41 -9.35
CA ALA B 436 -22.06 8.24 -10.77
C ALA B 436 -22.50 9.54 -11.42
N LYS B 437 -23.15 10.43 -10.66
CA LYS B 437 -23.59 11.70 -11.20
C LYS B 437 -22.45 12.69 -11.38
N LEU B 438 -21.28 12.42 -10.82
CA LEU B 438 -20.12 13.30 -10.95
C LEU B 438 -19.23 12.95 -12.13
N LEU B 439 -19.49 11.81 -12.79
CA LEU B 439 -18.66 11.42 -13.92
C LEU B 439 -18.94 12.32 -15.13
N ARG B 440 -17.87 12.71 -15.82
CA ARG B 440 -17.96 13.57 -16.99
C ARG B 440 -17.18 12.93 -18.13
N TYR B 441 -17.85 12.71 -19.26
CA TYR B 441 -17.21 12.12 -20.43
C TYR B 441 -17.70 12.85 -21.67
N ASN B 442 -17.04 12.54 -22.79
CA ASN B 442 -17.45 13.07 -24.08
C ASN B 442 -18.45 12.13 -24.74
N SER B 443 -19.10 12.62 -25.81
CA SER B 443 -20.09 11.85 -26.52
C SER B 443 -20.19 12.36 -27.95
N THR B 444 -21.04 11.72 -28.74
CA THR B 444 -21.24 12.15 -30.12
C THR B 444 -21.95 13.48 -30.19
N LYS B 445 -22.85 13.76 -29.23
CA LYS B 445 -23.54 15.03 -29.17
C LYS B 445 -22.80 16.09 -28.37
N SER B 446 -21.68 15.72 -27.73
CA SER B 446 -20.87 16.65 -26.94
C SER B 446 -19.40 16.30 -27.19
N VAL B 447 -18.80 16.99 -28.15
CA VAL B 447 -17.42 16.70 -28.54
C VAL B 447 -16.42 17.55 -27.75
N ASP B 448 -16.77 18.80 -27.43
CA ASP B 448 -15.87 19.71 -26.76
C ASP B 448 -16.08 19.74 -25.25
N GLU B 449 -17.32 19.94 -24.80
CA GLU B 449 -17.62 20.01 -23.38
C GLU B 449 -17.93 18.64 -22.81
N LEU B 450 -17.61 18.45 -21.54
CA LEU B 450 -17.86 17.19 -20.85
C LEU B 450 -19.30 17.15 -20.36
N THR B 451 -19.98 16.03 -20.60
CA THR B 451 -21.37 15.85 -20.24
C THR B 451 -21.52 14.70 -19.27
N SER B 452 -22.33 14.91 -18.22
CA SER B 452 -22.56 13.90 -17.21
C SER B 452 -23.67 12.95 -17.65
N LEU B 453 -23.91 11.93 -16.82
CA LEU B 453 -24.96 10.96 -17.13
C LEU B 453 -26.35 11.55 -16.88
N THR B 454 -26.46 12.51 -15.96
CA THR B 454 -27.75 13.15 -15.72
C THR B 454 -28.21 13.93 -16.93
N ASP B 455 -27.29 14.66 -17.58
CA ASP B 455 -27.62 15.35 -18.83
C ASP B 455 -27.72 14.38 -20.00
N TYR B 456 -27.17 13.17 -19.86
CA TYR B 456 -27.28 12.18 -20.94
C TYR B 456 -28.68 11.59 -21.00
N VAL B 457 -29.25 11.23 -19.85
CA VAL B 457 -30.57 10.61 -19.84
C VAL B 457 -31.67 11.60 -20.19
N THR B 458 -31.38 12.90 -20.13
CA THR B 458 -32.39 13.90 -20.49
C THR B 458 -32.58 14.00 -22.00
N ARG B 459 -31.51 13.83 -22.77
CA ARG B 459 -31.58 13.91 -24.23
C ARG B 459 -31.95 12.57 -24.86
N MET B 460 -32.11 11.52 -24.07
CA MET B 460 -32.48 10.22 -24.63
C MET B 460 -33.93 10.25 -25.11
N PRO B 461 -34.21 9.76 -26.32
CA PRO B 461 -35.60 9.74 -26.80
C PRO B 461 -36.49 8.81 -25.99
N GLU B 462 -37.78 8.80 -26.30
CA GLU B 462 -38.72 7.97 -25.56
C GLU B 462 -38.54 6.47 -25.84
N HIS B 463 -37.97 6.12 -26.99
CA HIS B 463 -37.80 4.71 -27.34
C HIS B 463 -36.46 4.14 -26.88
N GLN B 464 -35.49 4.98 -26.55
CA GLN B 464 -34.20 4.51 -26.05
C GLN B 464 -34.32 4.14 -24.59
N LYS B 465 -33.88 2.93 -24.24
CA LYS B 465 -33.98 2.42 -22.89
C LYS B 465 -32.63 1.99 -22.30
N ASN B 466 -31.53 2.27 -23.00
CA ASN B 466 -30.21 1.86 -22.55
C ASN B 466 -29.22 3.00 -22.77
N ILE B 467 -28.14 2.97 -22.00
CA ILE B 467 -27.05 3.94 -22.11
C ILE B 467 -25.91 3.27 -22.85
N TYR B 468 -25.56 3.82 -24.01
CA TYR B 468 -24.51 3.26 -24.86
C TYR B 468 -23.20 4.04 -24.65
N TYR B 469 -22.10 3.30 -24.59
CA TYR B 469 -20.78 3.88 -24.43
C TYR B 469 -19.78 3.05 -25.23
N ILE B 470 -18.53 3.50 -25.24
CA ILE B 470 -17.46 2.81 -25.96
C ILE B 470 -16.13 3.12 -25.30
N THR B 471 -15.28 2.10 -25.19
CA THR B 471 -13.95 2.23 -24.62
C THR B 471 -12.90 2.14 -25.72
N GLY B 472 -11.72 2.67 -25.43
CA GLY B 472 -10.65 2.64 -26.40
C GLY B 472 -9.37 3.19 -25.79
N GLU B 473 -8.33 3.22 -26.62
CA GLU B 473 -7.03 3.69 -26.16
C GLU B 473 -6.96 5.22 -26.13
N SER B 474 -7.51 5.88 -27.15
CA SER B 474 -7.48 7.33 -27.25
C SER B 474 -8.83 7.84 -27.71
N LEU B 475 -8.99 9.16 -27.66
CA LEU B 475 -10.25 9.78 -28.09
C LEU B 475 -10.37 9.79 -29.60
N LYS B 476 -9.27 9.97 -30.32
CA LYS B 476 -9.30 9.99 -31.77
C LYS B 476 -9.61 8.61 -32.35
N ALA B 477 -9.33 7.53 -31.61
CA ALA B 477 -9.64 6.20 -32.09
C ALA B 477 -11.09 5.79 -31.85
N VAL B 478 -11.77 6.45 -30.91
CA VAL B 478 -13.17 6.13 -30.63
C VAL B 478 -14.14 7.12 -31.26
N GLU B 479 -13.70 8.33 -31.61
CA GLU B 479 -14.59 9.29 -32.24
C GLU B 479 -14.92 8.89 -33.67
N LYS B 480 -14.02 8.17 -34.34
CA LYS B 480 -14.24 7.66 -35.69
C LYS B 480 -14.38 6.15 -35.71
N SER B 481 -14.84 5.57 -34.61
CA SER B 481 -14.99 4.13 -34.52
C SER B 481 -16.12 3.66 -35.44
N PRO B 482 -15.97 2.48 -36.04
CA PRO B 482 -17.02 1.97 -36.93
C PRO B 482 -18.29 1.53 -36.21
N PHE B 483 -18.36 1.66 -34.89
CA PHE B 483 -19.54 1.28 -34.12
C PHE B 483 -20.47 2.46 -33.84
N LEU B 484 -20.14 3.65 -34.34
CA LEU B 484 -20.93 4.84 -34.07
C LEU B 484 -21.91 5.19 -35.19
N ASP B 485 -21.69 4.69 -36.40
CA ASP B 485 -22.55 5.04 -37.52
C ASP B 485 -23.97 4.51 -37.32
N ALA B 486 -24.10 3.28 -36.81
CA ALA B 486 -25.43 2.72 -36.60
C ALA B 486 -26.17 3.41 -35.47
N LEU B 487 -25.46 3.80 -34.42
CA LEU B 487 -26.11 4.47 -33.30
C LEU B 487 -26.46 5.91 -33.64
N LYS B 488 -25.67 6.55 -34.50
CA LYS B 488 -26.00 7.91 -34.92
C LYS B 488 -27.11 7.94 -35.97
N ALA B 489 -27.27 6.86 -36.73
CA ALA B 489 -28.37 6.78 -37.69
C ALA B 489 -29.71 6.74 -36.99
N LYS B 490 -29.76 6.22 -35.76
CA LYS B 490 -30.96 6.18 -34.96
C LYS B 490 -31.03 7.31 -33.94
N ASN B 491 -30.14 8.30 -34.06
CA ASN B 491 -30.10 9.45 -33.15
C ASN B 491 -29.90 9.01 -31.70
N PHE B 492 -29.03 8.03 -31.50
CA PHE B 492 -28.70 7.53 -30.17
C PHE B 492 -27.32 8.03 -29.77
N GLU B 493 -27.26 8.70 -28.62
CA GLU B 493 -26.00 9.23 -28.12
C GLU B 493 -25.16 8.15 -27.47
N VAL B 494 -23.86 8.18 -27.74
CA VAL B 494 -22.91 7.20 -27.21
C VAL B 494 -21.80 7.94 -26.48
N LEU B 495 -21.55 7.54 -25.23
CA LEU B 495 -20.50 8.17 -24.45
C LEU B 495 -19.12 7.71 -24.93
N PHE B 496 -18.11 8.49 -24.57
CA PHE B 496 -16.73 8.22 -24.94
C PHE B 496 -15.90 7.99 -23.69
N LEU B 497 -15.22 6.84 -23.63
CA LEU B 497 -14.35 6.49 -22.51
C LEU B 497 -12.94 6.31 -23.03
N THR B 498 -12.02 7.16 -22.55
CA THR B 498 -10.64 7.12 -22.98
C THR B 498 -9.65 6.67 -21.91
N ASP B 499 -10.06 6.65 -20.64
CA ASP B 499 -9.14 6.21 -19.61
C ASP B 499 -9.28 4.72 -19.36
N PRO B 500 -8.18 4.04 -19.02
CA PRO B 500 -8.26 2.59 -18.78
C PRO B 500 -9.09 2.22 -17.57
N ILE B 501 -9.37 3.16 -16.65
CA ILE B 501 -10.13 2.86 -15.45
C ILE B 501 -11.63 3.09 -15.64
N ASP B 502 -12.06 3.54 -16.82
CA ASP B 502 -13.49 3.78 -17.04
C ASP B 502 -14.28 2.47 -17.03
N GLU B 503 -13.77 1.45 -17.71
CA GLU B 503 -14.49 0.18 -17.78
C GLU B 503 -14.56 -0.50 -16.42
N TYR B 504 -13.56 -0.28 -15.56
CA TYR B 504 -13.59 -0.86 -14.23
C TYR B 504 -14.76 -0.34 -13.40
N ALA B 505 -15.19 0.89 -13.66
CA ALA B 505 -16.35 1.45 -12.98
C ALA B 505 -17.65 1.19 -13.72
N PHE B 506 -17.61 1.14 -15.05
CA PHE B 506 -18.82 0.86 -15.82
C PHE B 506 -19.26 -0.59 -15.67
N THR B 507 -18.33 -1.49 -15.37
CA THR B 507 -18.69 -2.88 -15.11
C THR B 507 -19.29 -3.08 -13.72
N GLN B 508 -19.14 -2.10 -12.83
CA GLN B 508 -19.73 -2.18 -11.50
C GLN B 508 -21.07 -1.48 -11.43
N LEU B 509 -21.23 -0.36 -12.13
CA LEU B 509 -22.50 0.36 -12.16
C LEU B 509 -23.60 -0.49 -12.78
N LYS B 510 -23.46 -0.80 -14.07
CA LYS B 510 -24.38 -1.65 -14.81
C LYS B 510 -25.79 -1.08 -14.88
N GLU B 511 -26.00 0.12 -14.33
CA GLU B 511 -27.31 0.75 -14.29
C GLU B 511 -27.16 2.18 -13.80
N PHE B 512 -27.96 3.08 -14.36
CA PHE B 512 -27.99 4.47 -13.91
C PHE B 512 -29.42 4.97 -14.05
N GLU B 513 -30.10 5.17 -12.91
CA GLU B 513 -31.48 5.66 -12.90
C GLU B 513 -32.41 4.74 -13.68
N GLY B 514 -32.13 3.44 -13.63
CA GLY B 514 -32.92 2.46 -14.34
C GLY B 514 -32.47 2.16 -15.76
N LYS B 515 -31.50 2.91 -16.28
CA LYS B 515 -30.99 2.70 -17.63
C LYS B 515 -29.78 1.78 -17.57
N THR B 516 -29.85 0.66 -18.29
CA THR B 516 -28.76 -0.32 -18.29
C THR B 516 -27.62 0.16 -19.18
N LEU B 517 -26.40 0.06 -18.67
CA LEU B 517 -25.21 0.45 -19.42
C LEU B 517 -24.86 -0.66 -20.41
N VAL B 518 -24.91 -0.35 -21.70
CA VAL B 518 -24.60 -1.30 -22.75
C VAL B 518 -23.38 -0.79 -23.50
N ASP B 519 -22.38 -1.65 -23.66
CA ASP B 519 -21.16 -1.32 -24.40
C ASP B 519 -21.35 -1.71 -25.86
N ILE B 520 -21.16 -0.75 -26.76
CA ILE B 520 -21.36 -1.03 -28.18
C ILE B 520 -20.25 -1.90 -28.75
N THR B 521 -19.10 -1.98 -28.07
CA THR B 521 -18.04 -2.86 -28.55
C THR B 521 -18.42 -4.33 -28.39
N LYS B 522 -19.23 -4.66 -27.38
CA LYS B 522 -19.71 -6.01 -27.20
C LYS B 522 -20.94 -6.27 -28.08
N ASP B 523 -21.36 -7.53 -28.11
CA ASP B 523 -22.55 -7.89 -28.88
C ASP B 523 -23.79 -7.33 -28.21
N PHE B 524 -24.68 -6.78 -29.02
CA PHE B 524 -25.93 -6.21 -28.52
C PHE B 524 -26.92 -6.10 -29.66
N GLU B 525 -28.20 -6.03 -29.31
CA GLU B 525 -29.28 -5.97 -30.27
C GLU B 525 -30.03 -4.65 -30.13
N LEU B 526 -30.60 -4.19 -31.25
CA LEU B 526 -31.37 -2.96 -31.28
C LEU B 526 -32.78 -3.25 -31.79
N GLU B 527 -33.75 -2.53 -31.24
CA GLU B 527 -35.13 -2.73 -31.63
C GLU B 527 -35.38 -2.18 -33.03
N GLU B 528 -36.29 -2.85 -33.76
CA GLU B 528 -36.62 -2.47 -35.11
C GLU B 528 -38.02 -2.94 -35.45
N THR B 529 -38.53 -2.49 -36.59
CA THR B 529 -39.85 -2.89 -37.03
C THR B 529 -39.83 -4.34 -37.51
N ASP B 530 -40.99 -5.00 -37.43
CA ASP B 530 -41.07 -6.40 -37.83
C ASP B 530 -40.78 -6.59 -39.31
N GLU B 531 -41.14 -5.61 -40.14
CA GLU B 531 -40.86 -5.72 -41.58
C GLU B 531 -39.37 -5.66 -41.85
N GLU B 532 -38.64 -4.79 -41.13
CA GLU B 532 -37.19 -4.72 -41.30
C GLU B 532 -36.53 -6.00 -40.83
N LYS B 533 -37.01 -6.58 -39.73
CA LYS B 533 -36.45 -7.84 -39.25
C LYS B 533 -36.74 -8.97 -40.21
N ALA B 534 -37.94 -9.00 -40.80
CA ALA B 534 -38.28 -10.04 -41.77
C ALA B 534 -37.41 -9.92 -43.01
N GLU B 535 -37.12 -8.70 -43.45
CA GLU B 535 -36.26 -8.51 -44.61
C GLU B 535 -34.81 -8.85 -44.28
N ARG B 536 -34.38 -8.52 -43.06
CA ARG B 536 -33.00 -8.81 -42.67
C ARG B 536 -32.76 -10.31 -42.50
N GLU B 537 -33.76 -11.04 -42.02
CA GLU B 537 -33.61 -12.49 -41.88
C GLU B 537 -33.55 -13.17 -43.25
N LYS B 538 -34.34 -12.69 -44.21
CA LYS B 538 -34.30 -13.27 -45.54
C LYS B 538 -33.00 -12.92 -46.26
N GLU B 539 -32.36 -11.82 -45.89
CA GLU B 539 -31.03 -11.53 -46.41
C GLU B 539 -29.94 -12.31 -45.69
N ILE B 540 -30.10 -12.54 -44.38
CA ILE B 540 -29.07 -13.27 -43.64
C ILE B 540 -29.04 -14.73 -44.08
N LYS B 541 -30.20 -15.31 -44.37
CA LYS B 541 -30.26 -16.71 -44.76
C LYS B 541 -29.54 -16.98 -46.09
N GLU B 542 -29.41 -15.96 -46.95
CA GLU B 542 -28.71 -16.15 -48.21
C GLU B 542 -27.22 -15.80 -48.14
N TYR B 543 -26.80 -15.01 -47.15
CA TYR B 543 -25.38 -14.83 -46.91
C TYR B 543 -24.76 -15.97 -46.11
N GLU B 544 -25.56 -16.98 -45.75
CA GLU B 544 -25.06 -18.06 -44.89
C GLU B 544 -23.86 -18.81 -45.47
N PRO B 545 -23.83 -19.19 -46.76
CA PRO B 545 -22.62 -19.84 -47.28
C PRO B 545 -21.38 -18.97 -47.18
N LEU B 546 -21.52 -17.66 -47.32
CA LEU B 546 -20.37 -16.77 -47.20
C LEU B 546 -19.82 -16.77 -45.78
N THR B 547 -20.70 -16.64 -44.79
CA THR B 547 -20.26 -16.65 -43.40
C THR B 547 -19.70 -18.03 -43.01
N LYS B 548 -20.30 -19.10 -43.54
CA LYS B 548 -19.80 -20.44 -43.24
C LYS B 548 -18.42 -20.65 -43.84
N ALA B 549 -18.22 -20.23 -45.09
CA ALA B 549 -16.91 -20.38 -45.72
C ALA B 549 -15.87 -19.50 -45.05
N LEU B 550 -16.25 -18.28 -44.65
CA LEU B 550 -15.31 -17.40 -43.97
C LEU B 550 -14.96 -17.93 -42.58
N LYS B 551 -15.89 -18.61 -41.92
CA LYS B 551 -15.59 -19.22 -40.63
C LYS B 551 -14.58 -20.34 -40.76
N ASP B 552 -14.74 -21.20 -41.77
CA ASP B 552 -13.78 -22.27 -42.00
C ASP B 552 -12.40 -21.71 -42.37
N ILE B 553 -12.35 -20.55 -43.02
CA ILE B 553 -11.08 -19.94 -43.38
C ILE B 553 -10.37 -19.40 -42.13
N LEU B 554 -11.11 -18.66 -41.30
CA LEU B 554 -10.51 -18.09 -40.10
C LEU B 554 -10.14 -19.16 -39.08
N GLY B 555 -10.85 -20.28 -39.08
CA GLY B 555 -10.52 -21.36 -38.15
C GLY B 555 -11.00 -21.03 -36.75
N ASP B 556 -10.09 -21.07 -35.78
CA ASP B 556 -10.40 -20.84 -34.38
C ASP B 556 -10.06 -19.42 -33.94
N GLN B 557 -9.80 -18.52 -34.89
CA GLN B 557 -9.48 -17.14 -34.51
C GLN B 557 -10.70 -16.42 -33.95
N VAL B 558 -11.91 -16.79 -34.41
CA VAL B 558 -13.15 -16.19 -33.93
C VAL B 558 -14.10 -17.30 -33.51
N GLU B 559 -15.12 -16.92 -32.74
CA GLU B 559 -16.11 -17.89 -32.28
C GLU B 559 -17.06 -18.27 -33.41
N LYS B 560 -17.69 -17.26 -34.04
CA LYS B 560 -18.62 -17.51 -35.13
C LYS B 560 -18.64 -16.28 -36.04
N VAL B 561 -19.15 -16.48 -37.25
CA VAL B 561 -19.25 -15.43 -38.25
C VAL B 561 -20.73 -15.25 -38.59
N VAL B 562 -21.27 -14.07 -38.26
CA VAL B 562 -22.67 -13.76 -38.52
C VAL B 562 -22.75 -12.41 -39.22
N VAL B 563 -23.87 -12.19 -39.91
CA VAL B 563 -24.10 -10.93 -40.61
C VAL B 563 -24.64 -9.91 -39.61
N SER B 564 -24.08 -8.70 -39.65
CA SER B 564 -24.49 -7.61 -38.77
C SER B 564 -24.92 -6.41 -39.59
N TYR B 565 -26.03 -5.81 -39.21
CA TYR B 565 -26.56 -4.62 -39.88
C TYR B 565 -26.20 -3.34 -39.14
N LYS B 566 -25.36 -3.42 -38.11
CA LYS B 566 -24.92 -2.25 -37.36
C LYS B 566 -23.66 -1.62 -37.93
N LEU B 567 -23.32 -1.94 -39.18
CA LEU B 567 -22.14 -1.39 -39.85
C LEU B 567 -22.57 -0.88 -41.22
N LEU B 568 -22.38 0.42 -41.45
CA LEU B 568 -22.79 1.05 -42.70
C LEU B 568 -21.63 1.21 -43.68
N ASP B 569 -20.55 1.88 -43.26
CA ASP B 569 -19.40 2.11 -44.13
C ASP B 569 -18.29 1.09 -43.94
N ALA B 570 -18.08 0.60 -42.71
CA ALA B 570 -17.02 -0.37 -42.47
C ALA B 570 -17.40 -1.72 -43.05
N PRO B 571 -16.46 -2.41 -43.71
CA PRO B 571 -16.81 -3.73 -44.27
C PRO B 571 -17.05 -4.79 -43.22
N ALA B 572 -16.22 -4.83 -42.17
CA ALA B 572 -16.35 -5.85 -41.14
C ALA B 572 -15.70 -5.34 -39.86
N ALA B 573 -15.98 -6.05 -38.77
CA ALA B 573 -15.45 -5.70 -37.46
C ALA B 573 -15.52 -6.92 -36.56
N ILE B 574 -14.85 -6.83 -35.41
CA ILE B 574 -14.88 -7.87 -34.39
C ILE B 574 -15.44 -7.26 -33.11
N ARG B 575 -16.50 -7.87 -32.58
CA ARG B 575 -17.08 -7.47 -31.31
C ARG B 575 -16.70 -8.48 -30.23
N THR B 576 -17.26 -8.28 -29.04
CA THR B 576 -17.09 -9.21 -27.93
C THR B 576 -18.32 -10.13 -27.87
N GLY B 577 -18.31 -11.06 -26.92
CA GLY B 577 -19.38 -12.04 -26.83
C GLY B 577 -20.25 -11.92 -25.59
N GLN B 578 -20.53 -10.68 -25.17
CA GLN B 578 -21.42 -10.34 -24.06
C GLN B 578 -20.85 -10.75 -22.71
N PHE B 579 -19.73 -11.47 -22.67
CA PHE B 579 -19.16 -11.93 -21.41
C PHE B 579 -17.64 -11.88 -21.51
N GLY B 580 -17.00 -11.77 -20.36
CA GLY B 580 -15.56 -11.71 -20.31
C GLY B 580 -15.03 -10.31 -20.57
N TRP B 581 -13.73 -10.25 -20.85
CA TRP B 581 -13.07 -8.98 -21.11
C TRP B 581 -13.38 -8.50 -22.53
N SER B 582 -13.53 -7.18 -22.67
CA SER B 582 -13.80 -6.57 -23.97
C SER B 582 -12.50 -6.40 -24.74
N ALA B 583 -12.55 -5.65 -25.84
CA ALA B 583 -11.35 -5.41 -26.64
C ALA B 583 -10.34 -4.56 -25.88
N ASN B 584 -10.82 -3.61 -25.09
CA ASN B 584 -9.94 -2.73 -24.32
C ASN B 584 -9.53 -3.32 -22.99
N MET B 585 -10.40 -4.14 -22.37
CA MET B 585 -10.09 -4.68 -21.05
C MET B 585 -8.91 -5.65 -21.11
N GLU B 586 -8.87 -6.50 -22.13
CA GLU B 586 -7.76 -7.44 -22.25
C GLU B 586 -6.46 -6.71 -22.60
N ARG B 587 -6.55 -5.59 -23.31
CA ARG B 587 -5.35 -4.80 -23.59
C ARG B 587 -4.82 -4.14 -22.32
N ILE B 588 -5.72 -3.70 -21.44
CA ILE B 588 -5.29 -3.12 -20.17
C ILE B 588 -4.71 -4.21 -19.26
N MET B 589 -5.32 -5.39 -19.23
CA MET B 589 -4.84 -6.45 -18.36
C MET B 589 -3.49 -6.97 -18.82
N LYS B 590 -3.26 -7.04 -20.14
CA LYS B 590 -2.00 -7.51 -20.68
C LYS B 590 -0.92 -6.42 -20.72
N ALA B 591 -1.18 -5.27 -20.10
CA ALA B 591 -0.20 -4.19 -20.05
C ALA B 591 0.12 -3.75 -18.62
N GLN B 592 -0.50 -4.35 -17.61
CA GLN B 592 -0.22 -3.97 -16.23
C GLN B 592 1.15 -4.51 -15.82
N ALA B 593 1.97 -3.63 -15.22
CA ALA B 593 3.31 -4.04 -14.80
C ALA B 593 3.28 -4.88 -13.53
N LEU B 594 2.29 -4.67 -12.67
CA LEU B 594 2.18 -5.40 -11.41
C LEU B 594 1.20 -6.57 -11.47
N ARG B 595 0.51 -6.74 -12.59
CA ARG B 595 -0.45 -7.84 -12.74
C ARG B 595 -0.03 -8.79 -13.84
N SER B 605 -10.92 -12.44 -24.35
CA SER B 605 -12.01 -13.39 -24.20
C SER B 605 -12.53 -13.84 -25.56
N LYS B 606 -13.81 -14.23 -25.60
CA LYS B 606 -14.41 -14.68 -26.85
C LYS B 606 -14.70 -13.49 -27.76
N LYS B 607 -14.42 -13.66 -29.05
CA LYS B 607 -14.62 -12.62 -30.04
C LYS B 607 -15.45 -13.15 -31.19
N THR B 608 -16.27 -12.27 -31.77
CA THR B 608 -17.16 -12.62 -32.86
C THR B 608 -16.86 -11.73 -34.06
N PHE B 609 -16.67 -12.34 -35.22
CA PHE B 609 -16.41 -11.62 -36.47
C PHE B 609 -17.72 -11.44 -37.22
N GLU B 610 -18.06 -10.19 -37.54
CA GLU B 610 -19.26 -9.89 -38.29
C GLU B 610 -18.92 -9.01 -39.48
N ILE B 611 -19.72 -9.14 -40.54
CA ILE B 611 -19.53 -8.37 -41.76
C ILE B 611 -20.75 -7.48 -41.98
N SER B 612 -20.59 -6.54 -42.91
CA SER B 612 -21.66 -5.62 -43.28
C SER B 612 -22.16 -5.95 -44.68
N PRO B 613 -23.43 -6.28 -44.86
CA PRO B 613 -23.93 -6.67 -46.19
C PRO B 613 -24.18 -5.50 -47.13
N LYS B 614 -23.91 -4.27 -46.71
CA LYS B 614 -24.14 -3.09 -47.53
C LYS B 614 -22.84 -2.46 -48.01
N SER B 615 -21.73 -3.20 -47.95
CA SER B 615 -20.45 -2.70 -48.41
C SER B 615 -20.06 -3.37 -49.72
N PRO B 616 -19.46 -2.63 -50.66
CA PRO B 616 -19.05 -3.25 -51.93
C PRO B 616 -18.03 -4.37 -51.77
N ILE B 617 -17.25 -4.35 -50.68
CA ILE B 617 -16.23 -5.37 -50.48
C ILE B 617 -16.87 -6.71 -50.17
N ILE B 618 -17.86 -6.71 -49.26
CA ILE B 618 -18.56 -7.95 -48.94
C ILE B 618 -19.42 -8.41 -50.11
N LYS B 619 -19.97 -7.45 -50.88
CA LYS B 619 -20.75 -7.82 -52.05
C LYS B 619 -19.88 -8.51 -53.10
N GLU B 620 -18.63 -8.09 -53.22
CA GLU B 620 -17.71 -8.77 -54.13
C GLU B 620 -17.26 -10.10 -53.57
N LEU B 621 -17.10 -10.20 -52.25
CA LEU B 621 -16.75 -11.47 -51.63
C LEU B 621 -17.88 -12.48 -51.72
N LYS B 622 -19.12 -12.00 -51.82
CA LYS B 622 -20.26 -12.91 -51.91
C LYS B 622 -20.27 -13.64 -53.24
N LYS B 623 -20.03 -12.94 -54.36
CA LYS B 623 -20.03 -13.57 -55.66
C LYS B 623 -18.83 -14.48 -55.88
N ARG B 624 -17.84 -14.45 -55.01
CA ARG B 624 -16.68 -15.33 -55.17
C ARG B 624 -17.02 -16.77 -54.79
N VAL B 625 -17.77 -16.96 -53.71
CA VAL B 625 -18.15 -18.31 -53.29
C VAL B 625 -19.26 -18.90 -54.15
N ASP B 626 -19.95 -18.09 -54.94
CA ASP B 626 -21.00 -18.61 -55.81
C ASP B 626 -20.40 -19.33 -57.02
N GLU B 627 -19.27 -18.85 -57.53
CA GLU B 627 -18.59 -19.48 -58.65
C GLU B 627 -17.65 -20.61 -58.22
N GLY B 628 -17.60 -20.91 -56.93
CA GLY B 628 -16.71 -21.93 -56.42
C GLY B 628 -15.42 -21.43 -55.82
N GLY B 629 -15.41 -20.24 -55.22
CA GLY B 629 -14.21 -19.68 -54.66
C GLY B 629 -14.18 -19.66 -53.15
N ALA B 630 -14.78 -20.68 -52.52
CA ALA B 630 -14.80 -20.74 -51.07
C ALA B 630 -13.46 -21.18 -50.50
N GLN B 631 -12.65 -21.90 -51.29
CA GLN B 631 -11.39 -22.43 -50.82
C GLN B 631 -10.22 -22.05 -51.73
N ASP B 632 -10.36 -20.95 -52.46
CA ASP B 632 -9.27 -20.50 -53.32
C ASP B 632 -8.13 -19.91 -52.49
N LYS B 633 -6.94 -19.91 -53.08
CA LYS B 633 -5.77 -19.37 -52.40
C LYS B 633 -5.68 -17.85 -52.50
N THR B 634 -6.27 -17.27 -53.55
CA THR B 634 -6.21 -15.82 -53.72
C THR B 634 -7.14 -15.10 -52.75
N VAL B 635 -8.29 -15.71 -52.44
CA VAL B 635 -9.25 -15.08 -51.54
C VAL B 635 -8.83 -15.20 -50.08
N LYS B 636 -8.04 -16.23 -49.73
CA LYS B 636 -7.62 -16.41 -48.35
C LYS B 636 -6.76 -15.24 -47.87
N ASP B 637 -5.82 -14.79 -48.72
CA ASP B 637 -5.02 -13.62 -48.38
C ASP B 637 -5.90 -12.41 -48.13
N LEU B 638 -6.95 -12.25 -48.92
CA LEU B 638 -7.80 -11.06 -48.82
C LEU B 638 -8.64 -11.07 -47.55
N THR B 639 -9.29 -12.21 -47.26
CA THR B 639 -10.17 -12.27 -46.09
C THR B 639 -9.38 -12.25 -44.79
N ASN B 640 -8.19 -12.86 -44.78
CA ASN B 640 -7.35 -12.81 -43.59
C ASN B 640 -6.85 -11.40 -43.32
N LEU B 641 -6.44 -10.68 -44.37
CA LEU B 641 -5.98 -9.30 -44.21
C LEU B 641 -7.14 -8.40 -43.78
N LEU B 642 -8.33 -8.63 -44.32
CA LEU B 642 -9.50 -7.85 -43.90
C LEU B 642 -9.87 -8.14 -42.45
N PHE B 643 -9.73 -9.41 -42.03
CA PHE B 643 -10.01 -9.76 -40.65
C PHE B 643 -9.03 -9.08 -39.70
N GLU B 644 -7.73 -9.09 -40.05
CA GLU B 644 -6.74 -8.45 -39.20
C GLU B 644 -6.89 -6.93 -39.23
N THR B 645 -7.36 -6.37 -40.34
CA THR B 645 -7.61 -4.93 -40.39
C THR B 645 -8.81 -4.56 -39.53
N ALA B 646 -9.89 -5.35 -39.61
CA ALA B 646 -11.02 -5.13 -38.72
C ALA B 646 -10.66 -5.40 -37.27
N LEU B 647 -9.73 -6.32 -37.02
CA LEU B 647 -9.26 -6.56 -35.67
C LEU B 647 -8.54 -5.34 -35.12
N LEU B 648 -7.81 -4.62 -35.98
CA LEU B 648 -7.11 -3.43 -35.54
C LEU B 648 -8.08 -2.28 -35.26
N THR B 649 -9.03 -2.06 -36.17
CA THR B 649 -9.95 -0.94 -36.03
C THR B 649 -10.95 -1.15 -34.90
N SER B 650 -11.06 -2.38 -34.38
CA SER B 650 -11.98 -2.65 -33.28
C SER B 650 -11.32 -2.47 -31.92
N GLY B 651 -9.99 -2.52 -31.85
CA GLY B 651 -9.27 -2.33 -30.61
C GLY B 651 -8.64 -3.58 -30.02
N PHE B 652 -8.52 -4.66 -30.79
CA PHE B 652 -7.92 -5.88 -30.29
C PHE B 652 -6.41 -5.88 -30.53
N SER B 653 -5.72 -6.79 -29.83
CA SER B 653 -4.29 -6.93 -29.98
C SER B 653 -3.95 -7.64 -31.28
N LEU B 654 -3.01 -7.08 -32.04
CA LEU B 654 -2.61 -7.64 -33.32
C LEU B 654 -1.50 -8.67 -33.10
N GLU B 655 -1.84 -9.95 -33.27
CA GLU B 655 -0.88 -11.03 -33.09
C GLU B 655 -0.11 -11.26 -34.39
N GLU B 656 1.20 -11.41 -34.27
CA GLU B 656 2.11 -11.59 -35.41
C GLU B 656 1.92 -10.49 -36.45
N PRO B 657 2.34 -9.26 -36.16
CA PRO B 657 2.21 -8.18 -37.15
C PRO B 657 3.13 -8.34 -38.35
N THR B 658 4.06 -9.30 -38.32
CA THR B 658 4.98 -9.48 -39.45
C THR B 658 4.25 -9.97 -40.69
N SER B 659 3.34 -10.92 -40.53
CA SER B 659 2.55 -11.38 -41.67
C SER B 659 1.62 -10.28 -42.17
N PHE B 660 1.11 -9.45 -41.26
CA PHE B 660 0.33 -8.28 -41.67
C PHE B 660 1.17 -7.34 -42.52
N ALA B 661 2.37 -7.01 -42.05
CA ALA B 661 3.24 -6.12 -42.82
C ALA B 661 3.68 -6.76 -44.13
N SER B 662 3.86 -8.09 -44.15
CA SER B 662 4.25 -8.77 -45.38
C SER B 662 3.15 -8.69 -46.43
N ARG B 663 1.89 -8.92 -46.01
CA ARG B 663 0.78 -8.81 -46.95
C ARG B 663 0.59 -7.38 -47.42
N ILE B 664 0.80 -6.41 -46.52
CA ILE B 664 0.70 -5.00 -46.90
C ILE B 664 1.76 -4.66 -47.95
N ASN B 665 2.99 -5.16 -47.76
CA ASN B 665 4.04 -4.91 -48.74
C ASN B 665 3.75 -5.60 -50.07
N ARG B 666 3.03 -6.73 -50.04
CA ARG B 666 2.67 -7.40 -51.28
C ARG B 666 1.70 -6.57 -52.11
N LEU B 667 0.70 -5.98 -51.45
CA LEU B 667 -0.21 -5.06 -52.15
C LEU B 667 0.54 -3.84 -52.66
N ILE B 668 1.53 -3.36 -51.91
CA ILE B 668 2.33 -2.22 -52.36
C ILE B 668 3.08 -2.57 -53.64
N SER B 669 3.68 -3.76 -53.67
CA SER B 669 4.34 -4.22 -54.89
C SER B 669 3.35 -4.39 -56.03
N LEU B 670 2.14 -4.89 -55.72
CA LEU B 670 1.12 -5.02 -56.75
C LEU B 670 0.69 -3.65 -57.27
N GLY B 671 0.63 -2.65 -56.39
CA GLY B 671 0.29 -1.30 -56.80
C GLY B 671 1.43 -0.54 -57.45
N LEU B 672 2.68 -0.96 -57.21
CA LEU B 672 3.84 -0.32 -57.80
C LEU B 672 4.31 -1.03 -59.07
N ASN B 673 3.53 -2.00 -59.58
CA ASN B 673 3.85 -2.73 -60.81
C ASN B 673 5.19 -3.44 -60.71
N ILE B 674 5.42 -4.11 -59.58
CA ILE B 674 6.64 -4.87 -59.36
C ILE B 674 6.27 -6.20 -58.70
N ASP B 675 7.00 -7.25 -59.05
CA ASP B 675 6.74 -8.58 -58.50
C ASP B 675 7.85 -9.00 -57.54
PG ANP C . 4.84 -9.71 31.39
O1G ANP C . 3.67 -8.83 31.66
O2G ANP C . 5.80 -9.00 30.36
O3G ANP C . 4.32 -11.08 30.78
PB ANP C . 4.71 -10.93 33.85
O1B ANP C . 4.23 -12.16 33.14
O2B ANP C . 5.52 -11.34 35.11
N3B ANP C . 5.67 -10.02 32.83
PA ANP C . 2.32 -10.75 35.13
O1A ANP C . 1.41 -11.52 34.24
O2A ANP C . 1.64 -9.61 35.91
O3A ANP C . 3.48 -10.07 34.29
O5' ANP C . 3.03 -11.77 36.09
C5' ANP C . 3.01 -11.57 37.52
C4' ANP C . 3.65 -12.77 38.18
O4' ANP C . 2.64 -13.65 38.70
C3' ANP C . 4.49 -13.65 37.25
O3' ANP C . 5.82 -13.15 37.12
C2' ANP C . 4.45 -15.00 37.97
O2' ANP C . 5.45 -15.10 38.96
C1' ANP C . 3.05 -15.00 38.61
N9 ANP C . 2.05 -15.73 37.85
C8 ANP C . 1.18 -15.23 36.93
N7 ANP C . 0.38 -16.12 36.40
C5 ANP C . 0.76 -17.30 37.02
C6 ANP C . 0.29 -18.63 36.90
N6 ANP C . -0.70 -19.01 36.09
N1 ANP C . 0.87 -19.57 37.68
C2 ANP C . 1.86 -19.20 38.50
N3 ANP C . 2.38 -17.99 38.70
C4 ANP C . 1.78 -17.08 37.93
MG MG D . 2.45 -11.60 32.18
PG ANP E . -0.72 13.49 30.45
O1G ANP E . 0.44 12.58 30.68
O2G ANP E . -1.80 12.76 29.57
O3G ANP E . -0.22 14.79 29.71
PB ANP E . -0.34 14.95 32.76
O1B ANP E . 0.05 16.08 31.86
O2B ANP E . -1.05 15.52 34.02
N3B ANP E . -1.40 13.93 31.94
PA ANP E . 2.18 14.93 33.75
O1A ANP E . 2.96 15.54 32.65
O2A ANP E . 2.96 13.92 34.60
O3A ANP E . 0.92 14.16 33.18
O5' ANP E . 1.59 16.09 34.64
C5' ANP E . 1.76 16.09 36.07
C4' ANP E . 1.20 17.38 36.62
O4' ANP E . 2.28 18.31 36.84
C3' ANP E . 0.23 18.11 35.70
O3' ANP E . -1.09 17.61 35.87
C2' ANP E . 0.35 19.56 36.19
O2' ANP E . -0.51 19.82 37.30
C1' ANP E . 1.83 19.64 36.62
N9 ANP E . 2.70 20.27 35.63
C8 ANP E . 3.44 19.64 34.67
N7 ANP E . 4.14 20.46 33.91
C5 ANP E . 3.83 21.71 34.43
C6 ANP E . 4.24 23.01 34.07
N6 ANP E . 5.09 23.27 33.06
N1 ANP E . 3.75 24.05 34.78
C2 ANP E . 2.89 23.80 35.77
N3 ANP E . 2.43 22.62 36.21
C4 ANP E . 2.94 21.61 35.48
MG MG F . 1.73 15.50 30.77
#